data_2N2G
#
_entry.id   2N2G
#
_entity_poly.entity_id   1
_entity_poly.type   'polypeptide(L)'
_entity_poly.pdbx_seq_one_letter_code
;CPGEGEECDVEFNPCCPPLTCIPGDPYGICYII
;
_entity_poly.pdbx_strand_id   A
#
# COMPACT_ATOMS: atom_id res chain seq x y z
N CYS A 1 9.90 -1.83 1.80
CA CYS A 1 8.43 -1.90 1.54
C CYS A 1 7.64 -1.56 2.81
N PRO A 2 6.36 -1.05 2.67
CA PRO A 2 5.53 -0.67 3.84
C PRO A 2 4.76 -1.86 4.47
N GLY A 3 3.98 -1.55 5.51
CA GLY A 3 3.19 -2.56 6.21
C GLY A 3 1.77 -2.08 6.48
N GLU A 4 1.16 -2.60 7.55
CA GLU A 4 -0.22 -2.24 7.93
C GLU A 4 -0.28 -0.83 8.52
N GLY A 5 -0.97 0.07 7.80
CA GLY A 5 -1.11 1.45 8.25
C GLY A 5 0.02 2.35 7.76
N GLU A 6 0.55 2.04 6.57
CA GLU A 6 1.65 2.83 5.99
C GLU A 6 1.32 3.28 4.56
N GLU A 7 2.07 4.29 4.08
CA GLU A 7 1.88 4.84 2.74
C GLU A 7 2.55 3.95 1.68
N CYS A 8 1.77 3.56 0.67
CA CYS A 8 2.27 2.69 -0.40
C CYS A 8 1.94 3.26 -1.78
N ASP A 9 2.80 2.95 -2.75
CA ASP A 9 2.63 3.39 -4.13
C ASP A 9 2.27 2.20 -5.01
N VAL A 10 1.59 2.48 -6.13
CA VAL A 10 1.17 1.44 -7.07
C VAL A 10 2.06 1.39 -8.33
N GLU A 11 3.11 2.22 -8.34
CA GLU A 11 4.03 2.29 -9.48
C GLU A 11 5.31 1.50 -9.23
N PHE A 12 5.94 1.71 -8.06
CA PHE A 12 7.21 1.03 -7.73
C PHE A 12 7.38 0.77 -6.22
N ASN A 13 6.38 1.13 -5.40
CA ASN A 13 6.45 0.93 -3.95
C ASN A 13 5.17 0.26 -3.40
N PRO A 14 4.87 -1.02 -3.81
CA PRO A 14 3.68 -1.75 -3.33
C PRO A 14 3.85 -2.26 -1.89
N CYS A 15 2.78 -2.85 -1.34
CA CYS A 15 2.80 -3.40 0.03
C CYS A 15 3.49 -4.77 0.05
N CYS A 16 4.28 -5.02 1.10
CA CYS A 16 5.02 -6.29 1.24
C CYS A 16 4.12 -7.42 1.78
N PRO A 17 3.39 -7.23 2.92
CA PRO A 17 2.50 -8.27 3.48
C PRO A 17 1.20 -8.42 2.65
N PRO A 18 0.29 -9.40 2.96
CA PRO A 18 -0.98 -9.59 2.21
C PRO A 18 -1.98 -8.43 2.44
N LEU A 19 -1.59 -7.23 1.98
CA LEU A 19 -2.41 -6.03 2.12
C LEU A 19 -2.59 -5.35 0.76
N THR A 20 -3.60 -4.48 0.66
CA THR A 20 -3.90 -3.74 -0.57
C THR A 20 -3.64 -2.24 -0.37
N CYS A 21 -3.26 -1.57 -1.46
CA CYS A 21 -2.98 -0.13 -1.44
C CYS A 21 -4.22 0.66 -1.84
N ILE A 22 -4.84 1.33 -0.87
CA ILE A 22 -6.05 2.13 -1.12
C ILE A 22 -5.87 3.56 -0.57
N PRO A 23 -6.18 4.62 -1.38
CA PRO A 23 -6.68 4.52 -2.77
C PRO A 23 -5.60 4.08 -3.78
N GLY A 24 -4.37 4.61 -3.59
CA GLY A 24 -3.26 4.29 -4.48
C GLY A 24 -3.28 5.09 -5.78
N ASP A 25 -3.63 6.38 -5.68
CA ASP A 25 -3.70 7.26 -6.84
C ASP A 25 -3.18 8.68 -6.51
N PRO A 26 -1.83 8.92 -6.55
CA PRO A 26 -0.79 7.92 -6.87
C PRO A 26 -0.39 7.06 -5.67
N TYR A 27 -0.41 7.66 -4.48
CA TYR A 27 -0.05 6.98 -3.23
C TYR A 27 -1.28 6.68 -2.39
N GLY A 28 -1.16 5.67 -1.52
CA GLY A 28 -2.26 5.27 -0.65
C GLY A 28 -1.79 4.64 0.63
N ILE A 29 -2.64 3.79 1.22
CA ILE A 29 -2.33 3.10 2.47
C ILE A 29 -2.56 1.59 2.31
N CYS A 30 -1.74 0.79 3.01
CA CYS A 30 -1.84 -0.67 2.98
C CYS A 30 -2.90 -1.15 3.98
N TYR A 31 -4.04 -1.61 3.46
CA TYR A 31 -5.13 -2.09 4.31
C TYR A 31 -5.25 -3.62 4.29
N ILE A 32 -5.89 -4.16 5.33
CA ILE A 32 -6.10 -5.61 5.47
C ILE A 32 -7.45 -6.02 4.87
N ILE A 33 -7.40 -6.95 3.91
CA ILE A 33 -8.61 -7.44 3.25
C ILE A 33 -8.93 -8.87 3.70
N CYS A 1 9.90 -1.81 1.79
CA CYS A 1 8.43 -1.89 1.54
C CYS A 1 7.63 -1.55 2.81
N PRO A 2 6.36 -1.05 2.67
CA PRO A 2 5.53 -0.67 3.83
C PRO A 2 4.76 -1.85 4.46
N GLY A 3 3.97 -1.55 5.50
CA GLY A 3 3.18 -2.55 6.20
C GLY A 3 1.77 -2.07 6.47
N GLU A 4 1.16 -2.60 7.55
CA GLU A 4 -0.22 -2.24 7.92
C GLU A 4 -0.28 -0.83 8.52
N GLY A 5 -0.97 0.07 7.80
CA GLY A 5 -1.12 1.44 8.24
C GLY A 5 0.01 2.35 7.75
N GLU A 6 0.55 2.04 6.57
CA GLU A 6 1.65 2.83 5.99
C GLU A 6 1.32 3.27 4.57
N GLU A 7 2.06 4.28 4.09
CA GLU A 7 1.88 4.84 2.74
C GLU A 7 2.55 3.95 1.68
N CYS A 8 1.76 3.56 0.67
CA CYS A 8 2.26 2.69 -0.40
C CYS A 8 1.93 3.26 -1.78
N ASP A 9 2.79 2.94 -2.75
CA ASP A 9 2.61 3.39 -4.13
C ASP A 9 2.25 2.20 -5.02
N VAL A 10 1.58 2.47 -6.13
CA VAL A 10 1.16 1.43 -7.08
C VAL A 10 2.06 1.37 -8.32
N GLU A 11 3.11 2.21 -8.35
CA GLU A 11 4.02 2.28 -9.49
C GLU A 11 5.30 1.49 -9.24
N PHE A 12 5.94 1.71 -8.07
CA PHE A 12 7.20 1.02 -7.74
C PHE A 12 7.37 0.76 -6.23
N ASN A 13 6.37 1.12 -5.41
CA ASN A 13 6.45 0.93 -3.96
C ASN A 13 5.17 0.26 -3.40
N PRO A 14 4.86 -1.02 -3.81
CA PRO A 14 3.67 -1.74 -3.33
C PRO A 14 3.84 -2.26 -1.89
N CYS A 15 2.78 -2.85 -1.34
CA CYS A 15 2.80 -3.39 0.03
C CYS A 15 3.49 -4.76 0.05
N CYS A 16 4.28 -5.01 1.10
CA CYS A 16 5.03 -6.28 1.25
C CYS A 16 4.13 -7.41 1.78
N PRO A 17 3.40 -7.22 2.93
CA PRO A 17 2.51 -8.26 3.49
C PRO A 17 1.21 -8.41 2.65
N PRO A 18 0.30 -9.40 2.96
CA PRO A 18 -0.96 -9.59 2.21
C PRO A 18 -1.97 -8.43 2.44
N LEU A 19 -1.58 -7.23 1.99
CA LEU A 19 -2.41 -6.03 2.12
C LEU A 19 -2.58 -5.35 0.76
N THR A 20 -3.60 -4.49 0.67
CA THR A 20 -3.89 -3.74 -0.56
C THR A 20 -3.64 -2.25 -0.37
N CYS A 21 -3.26 -1.57 -1.46
CA CYS A 21 -2.98 -0.13 -1.44
C CYS A 21 -4.23 0.66 -1.85
N ILE A 22 -4.84 1.33 -0.87
CA ILE A 22 -6.05 2.13 -1.12
C ILE A 22 -5.87 3.56 -0.58
N PRO A 23 -6.17 4.62 -1.38
CA PRO A 23 -6.68 4.51 -2.78
C PRO A 23 -5.59 4.08 -3.79
N GLY A 24 -4.37 4.61 -3.61
CA GLY A 24 -3.25 4.29 -4.48
C GLY A 24 -3.27 5.09 -5.78
N ASP A 25 -3.62 6.38 -5.68
CA ASP A 25 -3.69 7.27 -6.85
C ASP A 25 -3.15 8.68 -6.51
N PRO A 26 -1.81 8.91 -6.54
CA PRO A 26 -0.77 7.91 -6.86
C PRO A 26 -0.38 7.04 -5.66
N TYR A 27 -0.40 7.66 -4.46
CA TYR A 27 -0.04 6.98 -3.22
C TYR A 27 -1.27 6.68 -2.37
N GLY A 28 -1.16 5.68 -1.50
CA GLY A 28 -2.27 5.31 -0.63
C GLY A 28 -1.80 4.66 0.66
N ILE A 29 -2.64 3.80 1.23
CA ILE A 29 -2.33 3.09 2.48
C ILE A 29 -2.56 1.59 2.31
N CYS A 30 -1.74 0.80 3.01
CA CYS A 30 -1.84 -0.67 2.98
C CYS A 30 -2.90 -1.15 3.98
N TYR A 31 -4.04 -1.61 3.46
CA TYR A 31 -5.14 -2.09 4.31
C TYR A 31 -5.25 -3.62 4.28
N ILE A 32 -5.90 -4.17 5.33
CA ILE A 32 -6.10 -5.62 5.46
C ILE A 32 -7.46 -6.03 4.84
N ILE A 33 -7.39 -6.96 3.89
CA ILE A 33 -8.58 -7.45 3.22
C ILE A 33 -8.91 -8.89 3.63
N CYS A 1 9.90 -1.82 1.80
CA CYS A 1 8.43 -1.89 1.54
C CYS A 1 7.63 -1.54 2.81
N PRO A 2 6.36 -1.04 2.68
CA PRO A 2 5.52 -0.66 3.84
C PRO A 2 4.76 -1.85 4.47
N GLY A 3 3.97 -1.54 5.51
CA GLY A 3 3.19 -2.56 6.21
C GLY A 3 1.77 -2.08 6.48
N GLU A 4 1.16 -2.60 7.55
CA GLU A 4 -0.22 -2.24 7.93
C GLU A 4 -0.29 -0.83 8.53
N GLY A 5 -0.97 0.07 7.80
CA GLY A 5 -1.12 1.45 8.24
C GLY A 5 0.01 2.35 7.76
N GLU A 6 0.55 2.04 6.57
CA GLU A 6 1.65 2.83 6.00
C GLU A 6 1.32 3.27 4.57
N GLU A 7 2.06 4.28 4.09
CA GLU A 7 1.88 4.83 2.74
C GLU A 7 2.55 3.94 1.69
N CYS A 8 1.77 3.55 0.67
CA CYS A 8 2.27 2.69 -0.40
C CYS A 8 1.94 3.26 -1.78
N ASP A 9 2.80 2.94 -2.75
CA ASP A 9 2.63 3.39 -4.13
C ASP A 9 2.27 2.20 -5.02
N VAL A 10 1.59 2.48 -6.13
CA VAL A 10 1.17 1.44 -7.07
C VAL A 10 2.06 1.39 -8.33
N GLU A 11 3.12 2.22 -8.35
CA GLU A 11 4.02 2.29 -9.49
C GLU A 11 5.30 1.50 -9.25
N PHE A 12 5.95 1.70 -8.08
CA PHE A 12 7.20 1.01 -7.75
C PHE A 12 7.37 0.74 -6.24
N ASN A 13 6.37 1.12 -5.42
CA ASN A 13 6.46 0.92 -3.97
C ASN A 13 5.19 0.25 -3.41
N PRO A 14 4.87 -1.01 -3.82
CA PRO A 14 3.67 -1.74 -3.33
C PRO A 14 3.84 -2.26 -1.89
N CYS A 15 2.78 -2.85 -1.34
CA CYS A 15 2.80 -3.39 0.03
C CYS A 15 3.49 -4.76 0.05
N CYS A 16 4.28 -5.01 1.10
CA CYS A 16 5.03 -6.27 1.25
C CYS A 16 4.13 -7.41 1.78
N PRO A 17 3.40 -7.21 2.93
CA PRO A 17 2.51 -8.26 3.49
C PRO A 17 1.21 -8.41 2.65
N PRO A 18 0.30 -9.39 2.97
CA PRO A 18 -0.96 -9.58 2.21
C PRO A 18 -1.97 -8.43 2.44
N LEU A 19 -1.58 -7.23 1.99
CA LEU A 19 -2.41 -6.03 2.12
C LEU A 19 -2.58 -5.34 0.76
N THR A 20 -3.61 -4.49 0.67
CA THR A 20 -3.89 -3.74 -0.56
C THR A 20 -3.64 -2.24 -0.37
N CYS A 21 -3.26 -1.57 -1.46
CA CYS A 21 -2.98 -0.13 -1.44
C CYS A 21 -4.23 0.66 -1.85
N ILE A 22 -4.84 1.33 -0.87
CA ILE A 22 -6.05 2.13 -1.12
C ILE A 22 -5.87 3.56 -0.57
N PRO A 23 -6.18 4.63 -1.37
CA PRO A 23 -6.68 4.52 -2.77
C PRO A 23 -5.60 4.08 -3.78
N GLY A 24 -4.38 4.61 -3.59
CA GLY A 24 -3.26 4.29 -4.49
C GLY A 24 -3.27 5.09 -5.78
N ASP A 25 -3.63 6.38 -5.68
CA ASP A 25 -3.69 7.27 -6.85
C ASP A 25 -3.18 8.68 -6.50
N PRO A 26 -1.82 8.92 -6.53
CA PRO A 26 -0.78 7.92 -6.86
C PRO A 26 -0.38 7.06 -5.67
N TYR A 27 -0.41 7.66 -4.48
CA TYR A 27 -0.04 6.98 -3.23
C TYR A 27 -1.28 6.67 -2.38
N GLY A 28 -1.16 5.66 -1.52
CA GLY A 28 -2.26 5.28 -0.65
C GLY A 28 -1.79 4.64 0.64
N ILE A 29 -2.65 3.79 1.22
CA ILE A 29 -2.33 3.10 2.47
C ILE A 29 -2.56 1.59 2.31
N CYS A 30 -1.74 0.79 3.01
CA CYS A 30 -1.84 -0.67 2.98
C CYS A 30 -2.90 -1.15 3.98
N TYR A 31 -4.04 -1.61 3.46
CA TYR A 31 -5.14 -2.09 4.31
C TYR A 31 -5.25 -3.62 4.29
N ILE A 32 -5.90 -4.17 5.33
CA ILE A 32 -6.10 -5.61 5.45
C ILE A 32 -7.46 -6.02 4.85
N ILE A 33 -7.39 -6.96 3.88
CA ILE A 33 -8.58 -7.45 3.21
C ILE A 33 -8.91 -8.89 3.62
N CYS A 1 9.89 -1.83 1.78
CA CYS A 1 8.43 -1.90 1.53
C CYS A 1 7.63 -1.56 2.80
N PRO A 2 6.36 -1.06 2.67
CA PRO A 2 5.54 -0.68 3.82
C PRO A 2 4.77 -1.86 4.47
N GLY A 3 3.98 -1.55 5.51
CA GLY A 3 3.20 -2.56 6.22
C GLY A 3 1.78 -2.08 6.49
N GLU A 4 1.17 -2.60 7.55
CA GLU A 4 -0.21 -2.24 7.93
C GLU A 4 -0.27 -0.83 8.53
N GLY A 5 -0.96 0.07 7.80
CA GLY A 5 -1.11 1.45 8.25
C GLY A 5 0.02 2.35 7.76
N GLU A 6 0.56 2.04 6.57
CA GLU A 6 1.66 2.83 5.99
C GLU A 6 1.33 3.28 4.56
N GLU A 7 2.08 4.28 4.08
CA GLU A 7 1.88 4.84 2.73
C GLU A 7 2.55 3.95 1.68
N CYS A 8 1.76 3.56 0.67
CA CYS A 8 2.26 2.69 -0.40
C CYS A 8 1.93 3.26 -1.78
N ASP A 9 2.79 2.95 -2.75
CA ASP A 9 2.61 3.39 -4.13
C ASP A 9 2.26 2.20 -5.03
N VAL A 10 1.59 2.48 -6.14
CA VAL A 10 1.17 1.43 -7.07
C VAL A 10 2.07 1.39 -8.33
N GLU A 11 3.11 2.22 -8.34
CA GLU A 11 4.03 2.29 -9.48
C GLU A 11 5.32 1.50 -9.23
N PHE A 12 5.95 1.72 -8.05
CA PHE A 12 7.22 1.04 -7.72
C PHE A 12 7.37 0.77 -6.21
N ASN A 13 6.37 1.14 -5.40
CA ASN A 13 6.45 0.94 -3.95
C ASN A 13 5.17 0.25 -3.39
N PRO A 14 4.87 -1.01 -3.81
CA PRO A 14 3.68 -1.75 -3.33
C PRO A 14 3.84 -2.26 -1.89
N CYS A 15 2.78 -2.85 -1.34
CA CYS A 15 2.79 -3.40 0.02
C CYS A 15 3.48 -4.77 0.05
N CYS A 16 4.28 -5.02 1.10
CA CYS A 16 5.02 -6.29 1.24
C CYS A 16 4.12 -7.42 1.78
N PRO A 17 3.39 -7.23 2.92
CA PRO A 17 2.50 -8.27 3.48
C PRO A 17 1.20 -8.42 2.65
N PRO A 18 0.29 -9.40 2.96
CA PRO A 18 -0.98 -9.59 2.21
C PRO A 18 -1.98 -8.43 2.44
N LEU A 19 -1.59 -7.23 1.99
CA LEU A 19 -2.41 -6.03 2.12
C LEU A 19 -2.59 -5.35 0.77
N THR A 20 -3.61 -4.49 0.67
CA THR A 20 -3.90 -3.75 -0.56
C THR A 20 -3.65 -2.24 -0.37
N CYS A 21 -3.26 -1.57 -1.46
CA CYS A 21 -2.99 -0.13 -1.44
C CYS A 21 -4.23 0.66 -1.85
N ILE A 22 -4.85 1.33 -0.87
CA ILE A 22 -6.05 2.13 -1.12
C ILE A 22 -5.87 3.57 -0.58
N PRO A 23 -6.18 4.62 -1.38
CA PRO A 23 -6.68 4.51 -2.78
C PRO A 23 -5.60 4.08 -3.79
N GLY A 24 -4.38 4.60 -3.61
CA GLY A 24 -3.26 4.28 -4.49
C GLY A 24 -3.28 5.08 -5.78
N ASP A 25 -3.63 6.37 -5.69
CA ASP A 25 -3.70 7.25 -6.86
C ASP A 25 -3.17 8.67 -6.51
N PRO A 26 -1.82 8.91 -6.54
CA PRO A 26 -0.78 7.91 -6.87
C PRO A 26 -0.38 7.04 -5.66
N TYR A 27 -0.41 7.66 -4.48
CA TYR A 27 -0.04 6.98 -3.22
C TYR A 27 -1.28 6.68 -2.38
N GLY A 28 -1.17 5.68 -1.51
CA GLY A 28 -2.27 5.30 -0.63
C GLY A 28 -1.79 4.65 0.66
N ILE A 29 -2.64 3.80 1.23
CA ILE A 29 -2.32 3.10 2.47
C ILE A 29 -2.56 1.59 2.31
N CYS A 30 -1.74 0.79 3.01
CA CYS A 30 -1.83 -0.67 2.98
C CYS A 30 -2.89 -1.15 3.98
N TYR A 31 -4.03 -1.61 3.46
CA TYR A 31 -5.13 -2.09 4.31
C TYR A 31 -5.25 -3.62 4.29
N ILE A 32 -5.89 -4.16 5.33
CA ILE A 32 -6.10 -5.61 5.46
C ILE A 32 -7.45 -6.02 4.86
N ILE A 33 -7.40 -6.95 3.90
CA ILE A 33 -8.59 -7.45 3.23
C ILE A 33 -8.91 -8.88 3.66
N CYS A 1 9.90 -1.80 1.80
CA CYS A 1 8.43 -1.88 1.55
C CYS A 1 7.63 -1.54 2.81
N PRO A 2 6.36 -1.04 2.68
CA PRO A 2 5.53 -0.67 3.84
C PRO A 2 4.76 -1.85 4.47
N GLY A 3 3.98 -1.55 5.51
CA GLY A 3 3.19 -2.56 6.21
C GLY A 3 1.77 -2.08 6.47
N GLU A 4 1.16 -2.61 7.54
CA GLU A 4 -0.23 -2.25 7.92
C GLU A 4 -0.30 -0.84 8.51
N GLY A 5 -0.98 0.05 7.79
CA GLY A 5 -1.14 1.44 8.22
C GLY A 5 0.00 2.34 7.75
N GLU A 6 0.54 2.03 6.56
CA GLU A 6 1.64 2.82 5.99
C GLU A 6 1.32 3.27 4.57
N GLU A 7 2.07 4.28 4.09
CA GLU A 7 1.88 4.83 2.74
C GLU A 7 2.56 3.95 1.69
N CYS A 8 1.77 3.56 0.68
CA CYS A 8 2.27 2.70 -0.40
C CYS A 8 1.93 3.27 -1.78
N ASP A 9 2.78 2.97 -2.76
CA ASP A 9 2.60 3.41 -4.13
C ASP A 9 2.25 2.22 -5.02
N VAL A 10 1.58 2.50 -6.13
CA VAL A 10 1.16 1.45 -7.09
C VAL A 10 2.05 1.42 -8.33
N GLU A 11 3.09 2.26 -8.36
CA GLU A 11 4.01 2.33 -9.49
C GLU A 11 5.29 1.53 -9.25
N PHE A 12 5.92 1.72 -8.09
CA PHE A 12 7.17 1.01 -7.76
C PHE A 12 7.34 0.74 -6.25
N ASN A 13 6.35 1.13 -5.42
CA ASN A 13 6.44 0.93 -3.97
C ASN A 13 5.17 0.26 -3.41
N PRO A 14 4.85 -1.00 -3.82
CA PRO A 14 3.66 -1.74 -3.33
C PRO A 14 3.84 -2.25 -1.89
N CYS A 15 2.77 -2.85 -1.33
CA CYS A 15 2.80 -3.38 0.03
C CYS A 15 3.49 -4.75 0.06
N CYS A 16 4.28 -5.00 1.11
CA CYS A 16 5.03 -6.27 1.25
C CYS A 16 4.13 -7.41 1.79
N PRO A 17 3.40 -7.21 2.94
CA PRO A 17 2.51 -8.25 3.49
C PRO A 17 1.21 -8.41 2.65
N PRO A 18 0.31 -9.39 2.97
CA PRO A 18 -0.95 -9.59 2.21
C PRO A 18 -1.97 -8.44 2.44
N LEU A 19 -1.58 -7.24 1.98
CA LEU A 19 -2.41 -6.04 2.11
C LEU A 19 -2.59 -5.35 0.76
N THR A 20 -3.59 -4.49 0.66
CA THR A 20 -3.89 -3.74 -0.56
C THR A 20 -3.64 -2.25 -0.38
N CYS A 21 -3.24 -1.58 -1.47
CA CYS A 21 -2.98 -0.14 -1.44
C CYS A 21 -4.22 0.65 -1.86
N ILE A 22 -4.83 1.34 -0.88
CA ILE A 22 -6.04 2.13 -1.12
C ILE A 22 -5.85 3.57 -0.57
N PRO A 23 -6.16 4.63 -1.39
CA PRO A 23 -6.67 4.52 -2.78
C PRO A 23 -5.60 4.09 -3.79
N GLY A 24 -4.37 4.61 -3.62
CA GLY A 24 -3.27 4.29 -4.51
C GLY A 24 -3.30 5.09 -5.81
N ASP A 25 -3.61 6.39 -5.70
CA ASP A 25 -3.67 7.28 -6.86
C ASP A 25 -3.10 8.67 -6.54
N PRO A 26 -1.73 8.86 -6.56
CA PRO A 26 -0.74 7.81 -6.87
C PRO A 26 -0.37 6.96 -5.65
N TYR A 27 -0.37 7.60 -4.47
CA TYR A 27 -0.02 6.94 -3.21
C TYR A 27 -1.27 6.67 -2.36
N GLY A 28 -1.16 5.69 -1.47
CA GLY A 28 -2.27 5.32 -0.59
C GLY A 28 -1.80 4.68 0.70
N ILE A 29 -2.65 3.81 1.25
CA ILE A 29 -2.34 3.11 2.50
C ILE A 29 -2.57 1.60 2.32
N CYS A 30 -1.76 0.80 3.02
CA CYS A 30 -1.85 -0.66 2.98
C CYS A 30 -2.91 -1.15 3.99
N TYR A 31 -4.05 -1.63 3.46
CA TYR A 31 -5.14 -2.11 4.32
C TYR A 31 -5.25 -3.64 4.31
N ILE A 32 -5.89 -4.17 5.35
CA ILE A 32 -6.09 -5.62 5.48
C ILE A 32 -7.45 -6.04 4.91
N ILE A 33 -7.41 -6.98 3.95
CA ILE A 33 -8.61 -7.50 3.30
C ILE A 33 -9.01 -8.87 3.86
N CYS A 1 9.90 -1.84 1.79
CA CYS A 1 8.44 -1.92 1.54
C CYS A 1 7.63 -1.57 2.81
N PRO A 2 6.36 -1.07 2.67
CA PRO A 2 5.53 -0.68 3.83
C PRO A 2 4.77 -1.87 4.47
N GLY A 3 3.99 -1.56 5.51
CA GLY A 3 3.20 -2.56 6.22
C GLY A 3 1.78 -2.09 6.48
N GLU A 4 1.17 -2.60 7.55
CA GLU A 4 -0.21 -2.24 7.93
C GLU A 4 -0.27 -0.83 8.53
N GLY A 5 -0.95 0.07 7.80
CA GLY A 5 -1.10 1.45 8.25
C GLY A 5 0.03 2.35 7.76
N GLU A 6 0.56 2.05 6.57
CA GLU A 6 1.66 2.83 5.99
C GLU A 6 1.33 3.29 4.57
N GLU A 7 2.08 4.29 4.08
CA GLU A 7 1.88 4.84 2.73
C GLU A 7 2.55 3.95 1.68
N CYS A 8 1.77 3.56 0.67
CA CYS A 8 2.27 2.70 -0.40
C CYS A 8 1.93 3.26 -1.78
N ASP A 9 2.79 2.95 -2.75
CA ASP A 9 2.61 3.39 -4.13
C ASP A 9 2.26 2.20 -5.02
N VAL A 10 1.58 2.47 -6.13
CA VAL A 10 1.16 1.42 -7.07
C VAL A 10 2.06 1.37 -8.32
N GLU A 11 3.11 2.20 -8.33
CA GLU A 11 4.03 2.26 -9.47
C GLU A 11 5.32 1.50 -9.22
N PHE A 12 5.95 1.72 -8.05
CA PHE A 12 7.21 1.05 -7.70
C PHE A 12 7.37 0.79 -6.19
N ASN A 13 6.37 1.15 -5.39
CA ASN A 13 6.43 0.95 -3.93
C ASN A 13 5.16 0.26 -3.38
N PRO A 14 4.87 -1.01 -3.81
CA PRO A 14 3.68 -1.75 -3.33
C PRO A 14 3.85 -2.27 -1.89
N CYS A 15 2.78 -2.87 -1.33
CA CYS A 15 2.80 -3.41 0.02
C CYS A 15 3.49 -4.78 0.05
N CYS A 16 4.29 -5.03 1.10
CA CYS A 16 5.02 -6.30 1.24
C CYS A 16 4.12 -7.43 1.78
N PRO A 17 3.39 -7.24 2.93
CA PRO A 17 2.50 -8.28 3.48
C PRO A 17 1.20 -8.43 2.64
N PRO A 18 0.28 -9.41 2.95
CA PRO A 18 -0.98 -9.59 2.21
C PRO A 18 -1.99 -8.43 2.44
N LEU A 19 -1.58 -7.24 1.98
CA LEU A 19 -2.41 -6.03 2.12
C LEU A 19 -2.59 -5.35 0.76
N THR A 20 -3.61 -4.49 0.67
CA THR A 20 -3.90 -3.73 -0.56
C THR A 20 -3.65 -2.24 -0.37
N CYS A 21 -3.26 -1.57 -1.46
CA CYS A 21 -2.98 -0.13 -1.44
C CYS A 21 -4.22 0.66 -1.84
N ILE A 22 -4.84 1.33 -0.87
CA ILE A 22 -6.05 2.13 -1.12
C ILE A 22 -5.87 3.57 -0.58
N PRO A 23 -6.18 4.62 -1.38
CA PRO A 23 -6.68 4.51 -2.77
C PRO A 23 -5.60 4.07 -3.78
N GLY A 24 -4.38 4.61 -3.61
CA GLY A 24 -3.26 4.28 -4.49
C GLY A 24 -3.28 5.08 -5.79
N ASP A 25 -3.65 6.37 -5.69
CA ASP A 25 -3.72 7.25 -6.86
C ASP A 25 -3.19 8.67 -6.52
N PRO A 26 -1.84 8.91 -6.55
CA PRO A 26 -0.80 7.90 -6.87
C PRO A 26 -0.40 7.05 -5.67
N TYR A 27 -0.42 7.66 -4.48
CA TYR A 27 -0.05 6.98 -3.23
C TYR A 27 -1.28 6.69 -2.38
N GLY A 28 -1.17 5.68 -1.51
CA GLY A 28 -2.27 5.30 -0.63
C GLY A 28 -1.79 4.66 0.65
N ILE A 29 -2.64 3.80 1.23
CA ILE A 29 -2.32 3.11 2.48
C ILE A 29 -2.55 1.59 2.31
N CYS A 30 -1.73 0.80 3.01
CA CYS A 30 -1.83 -0.66 2.97
C CYS A 30 -2.88 -1.14 3.98
N TYR A 31 -4.03 -1.61 3.45
CA TYR A 31 -5.13 -2.09 4.30
C TYR A 31 -5.24 -3.61 4.29
N ILE A 32 -5.90 -4.15 5.32
CA ILE A 32 -6.10 -5.60 5.45
C ILE A 32 -7.46 -6.01 4.84
N ILE A 33 -7.39 -6.93 3.87
CA ILE A 33 -8.59 -7.43 3.19
C ILE A 33 -8.89 -8.88 3.58
N CYS A 1 9.89 -1.83 1.78
CA CYS A 1 8.43 -1.91 1.54
C CYS A 1 7.63 -1.57 2.80
N PRO A 2 6.36 -1.06 2.67
CA PRO A 2 5.53 -0.68 3.83
C PRO A 2 4.77 -1.86 4.47
N GLY A 3 3.99 -1.55 5.51
CA GLY A 3 3.19 -2.56 6.21
C GLY A 3 1.78 -2.09 6.48
N GLU A 4 1.17 -2.60 7.56
CA GLU A 4 -0.21 -2.24 7.93
C GLU A 4 -0.27 -0.83 8.53
N GLY A 5 -0.96 0.07 7.80
CA GLY A 5 -1.10 1.45 8.25
C GLY A 5 0.03 2.35 7.76
N GLU A 6 0.56 2.05 6.56
CA GLU A 6 1.66 2.83 5.99
C GLU A 6 1.33 3.29 4.57
N GLU A 7 2.08 4.29 4.08
CA GLU A 7 1.88 4.84 2.73
C GLU A 7 2.55 3.95 1.68
N CYS A 8 1.76 3.56 0.67
CA CYS A 8 2.26 2.70 -0.41
C CYS A 8 1.93 3.26 -1.78
N ASP A 9 2.78 2.95 -2.75
CA ASP A 9 2.61 3.39 -4.13
C ASP A 9 2.25 2.20 -5.03
N VAL A 10 1.58 2.47 -6.13
CA VAL A 10 1.16 1.43 -7.08
C VAL A 10 2.06 1.38 -8.33
N GLU A 11 3.11 2.22 -8.34
CA GLU A 11 4.03 2.28 -9.48
C GLU A 11 5.32 1.50 -9.23
N PHE A 12 5.94 1.72 -8.06
CA PHE A 12 7.22 1.05 -7.71
C PHE A 12 7.37 0.78 -6.20
N ASN A 13 6.37 1.15 -5.39
CA ASN A 13 6.44 0.95 -3.95
C ASN A 13 5.16 0.26 -3.39
N PRO A 14 4.87 -1.01 -3.81
CA PRO A 14 3.68 -1.75 -3.33
C PRO A 14 3.85 -2.27 -1.89
N CYS A 15 2.78 -2.86 -1.34
CA CYS A 15 2.80 -3.40 0.03
C CYS A 15 3.49 -4.78 0.05
N CYS A 16 4.28 -5.02 1.10
CA CYS A 16 5.02 -6.30 1.24
C CYS A 16 4.12 -7.43 1.78
N PRO A 17 3.39 -7.23 2.93
CA PRO A 17 2.50 -8.27 3.48
C PRO A 17 1.20 -8.42 2.65
N PRO A 18 0.28 -9.40 2.97
CA PRO A 18 -0.98 -9.59 2.21
C PRO A 18 -1.98 -8.43 2.44
N LEU A 19 -1.59 -7.24 1.99
CA LEU A 19 -2.41 -6.03 2.12
C LEU A 19 -2.59 -5.35 0.76
N THR A 20 -3.61 -4.49 0.67
CA THR A 20 -3.90 -3.75 -0.56
C THR A 20 -3.64 -2.24 -0.36
N CYS A 21 -3.26 -1.57 -1.46
CA CYS A 21 -2.98 -0.13 -1.44
C CYS A 21 -4.23 0.66 -1.85
N ILE A 22 -4.84 1.33 -0.87
CA ILE A 22 -6.05 2.13 -1.12
C ILE A 22 -5.87 3.57 -0.58
N PRO A 23 -6.18 4.62 -1.38
CA PRO A 23 -6.68 4.51 -2.77
C PRO A 23 -5.60 4.07 -3.78
N GLY A 24 -4.38 4.61 -3.61
CA GLY A 24 -3.26 4.28 -4.49
C GLY A 24 -3.28 5.08 -5.78
N ASP A 25 -3.63 6.37 -5.69
CA ASP A 25 -3.70 7.25 -6.86
C ASP A 25 -3.17 8.67 -6.51
N PRO A 26 -1.82 8.91 -6.55
CA PRO A 26 -0.78 7.90 -6.87
C PRO A 26 -0.38 7.04 -5.66
N TYR A 27 -0.41 7.66 -4.48
CA TYR A 27 -0.05 6.98 -3.23
C TYR A 27 -1.28 6.69 -2.38
N GLY A 28 -1.17 5.68 -1.51
CA GLY A 28 -2.27 5.31 -0.63
C GLY A 28 -1.80 4.66 0.66
N ILE A 29 -2.64 3.80 1.23
CA ILE A 29 -2.32 3.10 2.47
C ILE A 29 -2.56 1.59 2.31
N CYS A 30 -1.74 0.80 3.01
CA CYS A 30 -1.83 -0.66 2.97
C CYS A 30 -2.89 -1.15 3.98
N TYR A 31 -4.03 -1.61 3.46
CA TYR A 31 -5.13 -2.09 4.31
C TYR A 31 -5.25 -3.61 4.29
N ILE A 32 -5.89 -4.16 5.33
CA ILE A 32 -6.10 -5.60 5.45
C ILE A 32 -7.45 -6.01 4.85
N ILE A 33 -7.39 -6.95 3.88
CA ILE A 33 -8.59 -7.44 3.21
C ILE A 33 -8.90 -8.88 3.61
N CYS A 1 9.89 -1.81 1.80
CA CYS A 1 8.43 -1.89 1.54
C CYS A 1 7.63 -1.54 2.81
N PRO A 2 6.36 -1.04 2.68
CA PRO A 2 5.52 -0.66 3.84
C PRO A 2 4.76 -1.85 4.47
N GLY A 3 3.97 -1.55 5.51
CA GLY A 3 3.18 -2.55 6.20
C GLY A 3 1.77 -2.08 6.48
N GLU A 4 1.16 -2.60 7.55
CA GLU A 4 -0.22 -2.24 7.93
C GLU A 4 -0.29 -0.83 8.53
N GLY A 5 -0.97 0.07 7.80
CA GLY A 5 -1.11 1.45 8.25
C GLY A 5 0.02 2.35 7.77
N GLU A 6 0.55 2.04 6.57
CA GLU A 6 1.65 2.82 6.00
C GLU A 6 1.32 3.27 4.57
N GLU A 7 2.06 4.28 4.09
CA GLU A 7 1.88 4.83 2.74
C GLU A 7 2.55 3.94 1.69
N CYS A 8 1.77 3.56 0.67
CA CYS A 8 2.27 2.69 -0.40
C CYS A 8 1.94 3.26 -1.78
N ASP A 9 2.79 2.94 -2.75
CA ASP A 9 2.62 3.39 -4.13
C ASP A 9 2.26 2.20 -5.02
N VAL A 10 1.59 2.48 -6.13
CA VAL A 10 1.16 1.43 -7.08
C VAL A 10 2.06 1.39 -8.33
N GLU A 11 3.11 2.22 -8.35
CA GLU A 11 4.02 2.29 -9.49
C GLU A 11 5.30 1.50 -9.25
N PHE A 12 5.94 1.70 -8.08
CA PHE A 12 7.20 1.01 -7.75
C PHE A 12 7.37 0.75 -6.24
N ASN A 13 6.37 1.12 -5.42
CA ASN A 13 6.46 0.92 -3.97
C ASN A 13 5.18 0.25 -3.41
N PRO A 14 4.87 -1.01 -3.82
CA PRO A 14 3.67 -1.74 -3.33
C PRO A 14 3.84 -2.26 -1.89
N CYS A 15 2.78 -2.85 -1.34
CA CYS A 15 2.80 -3.39 0.03
C CYS A 15 3.49 -4.76 0.05
N CYS A 16 4.28 -5.01 1.10
CA CYS A 16 5.03 -6.27 1.25
C CYS A 16 4.13 -7.41 1.79
N PRO A 17 3.40 -7.21 2.94
CA PRO A 17 2.51 -8.25 3.49
C PRO A 17 1.21 -8.41 2.65
N PRO A 18 0.30 -9.39 2.97
CA PRO A 18 -0.96 -9.58 2.21
C PRO A 18 -1.97 -8.43 2.44
N LEU A 19 -1.58 -7.23 1.99
CA LEU A 19 -2.41 -6.03 2.12
C LEU A 19 -2.58 -5.34 0.76
N THR A 20 -3.60 -4.48 0.66
CA THR A 20 -3.89 -3.74 -0.56
C THR A 20 -3.64 -2.24 -0.37
N CYS A 21 -3.26 -1.57 -1.46
CA CYS A 21 -2.98 -0.13 -1.44
C CYS A 21 -4.23 0.66 -1.85
N ILE A 22 -4.84 1.33 -0.87
CA ILE A 22 -6.05 2.13 -1.12
C ILE A 22 -5.87 3.56 -0.57
N PRO A 23 -6.18 4.62 -1.38
CA PRO A 23 -6.68 4.51 -2.77
C PRO A 23 -5.60 4.08 -3.78
N GLY A 24 -4.38 4.61 -3.59
CA GLY A 24 -3.26 4.29 -4.49
C GLY A 24 -3.27 5.09 -5.78
N ASP A 25 -3.63 6.38 -5.69
CA ASP A 25 -3.69 7.27 -6.85
C ASP A 25 -3.16 8.68 -6.51
N PRO A 26 -1.81 8.92 -6.53
CA PRO A 26 -0.78 7.91 -6.87
C PRO A 26 -0.38 7.04 -5.66
N TYR A 27 -0.40 7.66 -4.47
CA TYR A 27 -0.04 6.98 -3.22
C TYR A 27 -1.28 6.68 -2.38
N GLY A 28 -1.16 5.68 -1.50
CA GLY A 28 -2.27 5.30 -0.63
C GLY A 28 -1.79 4.65 0.66
N ILE A 29 -2.64 3.80 1.23
CA ILE A 29 -2.33 3.09 2.48
C ILE A 29 -2.56 1.59 2.31
N CYS A 30 -1.74 0.79 3.01
CA CYS A 30 -1.84 -0.67 2.98
C CYS A 30 -2.90 -1.15 3.98
N TYR A 31 -4.04 -1.62 3.46
CA TYR A 31 -5.14 -2.10 4.30
C TYR A 31 -5.25 -3.62 4.28
N ILE A 32 -5.90 -4.17 5.33
CA ILE A 32 -6.11 -5.61 5.45
C ILE A 32 -7.45 -6.03 4.83
N ILE A 33 -7.39 -6.95 3.87
CA ILE A 33 -8.59 -7.45 3.20
C ILE A 33 -8.90 -8.90 3.59
N CYS A 1 9.90 -1.84 1.78
CA CYS A 1 8.43 -1.92 1.53
C CYS A 1 7.64 -1.57 2.80
N PRO A 2 6.36 -1.06 2.67
CA PRO A 2 5.53 -0.68 3.83
C PRO A 2 4.77 -1.86 4.47
N GLY A 3 3.99 -1.55 5.51
CA GLY A 3 3.20 -2.56 6.22
C GLY A 3 1.79 -2.08 6.47
N GLU A 4 1.16 -2.60 7.55
CA GLU A 4 -0.21 -2.24 7.91
C GLU A 4 -0.28 -0.83 8.52
N GLY A 5 -0.95 0.07 7.79
CA GLY A 5 -1.10 1.45 8.25
C GLY A 5 0.02 2.35 7.76
N GLU A 6 0.56 2.05 6.56
CA GLU A 6 1.65 2.83 5.99
C GLU A 6 1.32 3.29 4.57
N GLU A 7 2.07 4.29 4.08
CA GLU A 7 1.88 4.84 2.73
C GLU A 7 2.55 3.95 1.68
N CYS A 8 1.76 3.56 0.67
CA CYS A 8 2.27 2.70 -0.40
C CYS A 8 1.93 3.26 -1.78
N ASP A 9 2.80 2.95 -2.75
CA ASP A 9 2.62 3.40 -4.13
C ASP A 9 2.26 2.21 -5.02
N VAL A 10 1.59 2.48 -6.13
CA VAL A 10 1.17 1.44 -7.07
C VAL A 10 2.07 1.39 -8.33
N GLU A 11 3.11 2.22 -8.34
CA GLU A 11 4.03 2.28 -9.47
C GLU A 11 5.32 1.50 -9.23
N PHE A 12 5.95 1.72 -8.05
CA PHE A 12 7.22 1.04 -7.72
C PHE A 12 7.37 0.77 -6.21
N ASN A 13 6.38 1.14 -5.39
CA ASN A 13 6.45 0.94 -3.95
C ASN A 13 5.17 0.25 -3.39
N PRO A 14 4.87 -1.01 -3.81
CA PRO A 14 3.68 -1.75 -3.33
C PRO A 14 3.85 -2.26 -1.89
N CYS A 15 2.78 -2.85 -1.34
CA CYS A 15 2.80 -3.40 0.03
C CYS A 15 3.49 -4.78 0.05
N CYS A 16 4.28 -5.02 1.10
CA CYS A 16 5.02 -6.29 1.24
C CYS A 16 4.12 -7.43 1.78
N PRO A 17 3.39 -7.23 2.92
CA PRO A 17 2.50 -8.27 3.48
C PRO A 17 1.20 -8.42 2.65
N PRO A 18 0.28 -9.40 2.96
CA PRO A 18 -0.98 -9.59 2.21
C PRO A 18 -1.98 -8.43 2.44
N LEU A 19 -1.59 -7.23 1.98
CA LEU A 19 -2.41 -6.03 2.12
C LEU A 19 -2.59 -5.34 0.76
N THR A 20 -3.61 -4.49 0.67
CA THR A 20 -3.90 -3.74 -0.55
C THR A 20 -3.65 -2.24 -0.37
N CYS A 21 -3.26 -1.57 -1.46
CA CYS A 21 -2.98 -0.13 -1.43
C CYS A 21 -4.23 0.66 -1.85
N ILE A 22 -4.84 1.33 -0.87
CA ILE A 22 -6.05 2.13 -1.12
C ILE A 22 -5.87 3.56 -0.57
N PRO A 23 -6.18 4.62 -1.38
CA PRO A 23 -6.68 4.52 -2.77
C PRO A 23 -5.60 4.08 -3.78
N GLY A 24 -4.38 4.60 -3.60
CA GLY A 24 -3.26 4.28 -4.49
C GLY A 24 -3.28 5.08 -5.78
N ASP A 25 -3.64 6.37 -5.68
CA ASP A 25 -3.70 7.25 -6.86
C ASP A 25 -3.18 8.67 -6.52
N PRO A 26 -1.83 8.91 -6.55
CA PRO A 26 -0.79 7.91 -6.88
C PRO A 26 -0.39 7.06 -5.67
N TYR A 27 -0.42 7.66 -4.49
CA TYR A 27 -0.05 6.98 -3.23
C TYR A 27 -1.29 6.68 -2.39
N GLY A 28 -1.17 5.67 -1.52
CA GLY A 28 -2.26 5.28 -0.65
C GLY A 28 -1.80 4.65 0.64
N ILE A 29 -2.64 3.79 1.22
CA ILE A 29 -2.33 3.10 2.47
C ILE A 29 -2.56 1.59 2.30
N CYS A 30 -1.74 0.79 3.01
CA CYS A 30 -1.83 -0.67 2.98
C CYS A 30 -2.89 -1.15 3.98
N TYR A 31 -4.03 -1.61 3.46
CA TYR A 31 -5.13 -2.09 4.31
C TYR A 31 -5.24 -3.61 4.30
N ILE A 32 -5.89 -4.16 5.33
CA ILE A 32 -6.10 -5.60 5.47
C ILE A 32 -7.45 -6.02 4.86
N ILE A 33 -7.39 -6.95 3.90
CA ILE A 33 -8.59 -7.45 3.23
C ILE A 33 -8.91 -8.88 3.65
N CYS A 1 9.79 -1.76 1.69
CA CYS A 1 8.34 -1.88 1.38
C CYS A 1 7.48 -1.52 2.61
N PRO A 2 6.21 -1.04 2.40
CA PRO A 2 5.32 -0.66 3.51
C PRO A 2 4.62 -1.86 4.19
N GLY A 3 3.79 -1.55 5.18
CA GLY A 3 3.05 -2.55 5.93
C GLY A 3 1.63 -2.11 6.23
N GLU A 4 1.14 -2.51 7.40
CA GLU A 4 -0.22 -2.16 7.83
C GLU A 4 -0.25 -0.76 8.49
N GLY A 5 -0.86 0.20 7.79
CA GLY A 5 -0.95 1.56 8.27
C GLY A 5 0.22 2.43 7.81
N GLU A 6 0.66 2.21 6.57
CA GLU A 6 1.78 2.96 5.99
C GLU A 6 1.45 3.44 4.57
N GLU A 7 2.27 4.35 4.04
CA GLU A 7 2.07 4.90 2.69
C GLU A 7 2.62 3.93 1.64
N CYS A 8 1.75 3.55 0.69
CA CYS A 8 2.11 2.62 -0.37
C CYS A 8 1.77 3.19 -1.75
N ASP A 9 2.64 2.89 -2.73
CA ASP A 9 2.46 3.34 -4.11
C ASP A 9 2.20 2.14 -5.02
N VAL A 10 1.56 2.39 -6.16
CA VAL A 10 1.24 1.33 -7.13
C VAL A 10 2.18 1.37 -8.35
N GLU A 11 3.21 2.21 -8.28
CA GLU A 11 4.17 2.35 -9.40
C GLU A 11 5.54 1.77 -9.06
N PHE A 12 6.09 2.15 -7.89
CA PHE A 12 7.43 1.68 -7.48
C PHE A 12 7.53 1.37 -5.97
N ASN A 13 6.40 1.46 -5.25
CA ASN A 13 6.39 1.19 -3.80
C ASN A 13 5.22 0.27 -3.42
N PRO A 14 5.23 -1.02 -3.90
CA PRO A 14 4.16 -2.00 -3.59
C PRO A 14 4.23 -2.51 -2.15
N CYS A 15 3.13 -3.09 -1.67
CA CYS A 15 3.03 -3.63 -0.31
C CYS A 15 3.69 -5.01 -0.20
N CYS A 16 4.37 -5.25 0.92
CA CYS A 16 5.06 -6.54 1.16
C CYS A 16 4.11 -7.60 1.74
N PRO A 17 3.35 -7.32 2.85
CA PRO A 17 2.42 -8.31 3.44
C PRO A 17 1.12 -8.46 2.61
N PRO A 18 0.22 -9.44 2.94
CA PRO A 18 -1.04 -9.63 2.20
C PRO A 18 -2.07 -8.50 2.47
N LEU A 19 -1.71 -7.30 2.03
CA LEU A 19 -2.56 -6.11 2.20
C LEU A 19 -2.82 -5.43 0.84
N THR A 20 -3.80 -4.52 0.84
CA THR A 20 -4.17 -3.79 -0.37
C THR A 20 -3.86 -2.28 -0.22
N CYS A 21 -3.43 -1.66 -1.33
CA CYS A 21 -3.11 -0.23 -1.33
C CYS A 21 -4.33 0.60 -1.75
N ILE A 22 -4.89 1.33 -0.78
CA ILE A 22 -6.07 2.17 -1.02
C ILE A 22 -5.79 3.61 -0.55
N PRO A 23 -6.08 4.66 -1.39
CA PRO A 23 -6.63 4.51 -2.76
C PRO A 23 -5.61 3.98 -3.79
N GLY A 24 -4.35 4.44 -3.66
CA GLY A 24 -3.29 4.03 -4.57
C GLY A 24 -3.29 4.83 -5.88
N ASP A 25 -3.61 6.13 -5.80
CA ASP A 25 -3.65 6.99 -6.97
C ASP A 25 -3.17 8.42 -6.63
N PRO A 26 -1.82 8.68 -6.61
CA PRO A 26 -0.76 7.69 -6.88
C PRO A 26 -0.36 6.89 -5.64
N TYR A 27 -0.37 7.56 -4.47
CA TYR A 27 -0.01 6.94 -3.20
C TYR A 27 -1.23 6.76 -2.30
N GLY A 28 -1.11 5.83 -1.34
CA GLY A 28 -2.20 5.56 -0.41
C GLY A 28 -1.72 4.83 0.83
N ILE A 29 -2.64 4.06 1.43
CA ILE A 29 -2.33 3.27 2.63
C ILE A 29 -2.71 1.81 2.41
N CYS A 30 -1.92 0.90 2.98
CA CYS A 30 -2.18 -0.54 2.85
C CYS A 30 -3.05 -1.05 3.99
N TYR A 31 -4.24 -1.56 3.62
CA TYR A 31 -5.21 -2.08 4.59
C TYR A 31 -5.32 -3.60 4.51
N ILE A 32 -5.98 -4.19 5.53
CA ILE A 32 -6.18 -5.64 5.60
C ILE A 32 -7.56 -6.02 5.01
N ILE A 33 -7.52 -6.92 4.02
CA ILE A 33 -8.75 -7.38 3.36
C ILE A 33 -9.14 -8.78 3.83
N CYS A 1 9.81 -1.88 1.68
CA CYS A 1 8.34 -1.93 1.45
C CYS A 1 7.57 -1.62 2.75
N PRO A 2 6.31 -1.10 2.64
CA PRO A 2 5.50 -0.74 3.81
C PRO A 2 4.74 -1.93 4.45
N GLY A 3 3.97 -1.64 5.51
CA GLY A 3 3.19 -2.64 6.21
C GLY A 3 1.79 -2.15 6.50
N GLU A 4 1.18 -2.67 7.58
CA GLU A 4 -0.18 -2.30 7.98
C GLU A 4 -0.21 -0.90 8.60
N GLY A 5 -0.85 0.05 7.88
CA GLY A 5 -0.95 1.42 8.35
C GLY A 5 0.20 2.29 7.86
N GLU A 6 0.73 1.96 6.68
CA GLU A 6 1.85 2.71 6.09
C GLU A 6 1.52 3.17 4.68
N GLU A 7 2.31 4.14 4.17
CA GLU A 7 2.12 4.69 2.82
C GLU A 7 2.72 3.76 1.76
N CYS A 8 1.92 3.44 0.75
CA CYS A 8 2.34 2.56 -0.34
C CYS A 8 2.11 3.19 -1.70
N ASP A 9 3.04 2.95 -2.61
CA ASP A 9 2.96 3.48 -3.98
C ASP A 9 2.56 2.35 -4.93
N VAL A 10 1.87 2.72 -6.02
CA VAL A 10 1.42 1.75 -7.02
C VAL A 10 2.32 1.75 -8.27
N GLU A 11 3.41 2.52 -8.22
CA GLU A 11 4.34 2.63 -9.33
C GLU A 11 5.57 1.74 -9.14
N PHE A 12 6.19 1.79 -7.94
CA PHE A 12 7.40 1.00 -7.65
C PHE A 12 7.56 0.65 -6.17
N ASN A 13 6.59 1.05 -5.32
CA ASN A 13 6.67 0.78 -3.88
C ASN A 13 5.35 0.19 -3.33
N PRO A 14 4.94 -1.03 -3.79
CA PRO A 14 3.69 -1.69 -3.32
C PRO A 14 3.84 -2.24 -1.88
N CYS A 15 2.75 -2.82 -1.35
CA CYS A 15 2.75 -3.39 -0.01
C CYS A 15 3.40 -4.79 -0.01
N CYS A 16 4.21 -5.07 1.02
CA CYS A 16 4.92 -6.35 1.15
C CYS A 16 4.00 -7.47 1.70
N PRO A 17 3.30 -7.26 2.87
CA PRO A 17 2.40 -8.28 3.45
C PRO A 17 1.09 -8.41 2.63
N PRO A 18 0.16 -9.38 2.97
CA PRO A 18 -1.11 -9.55 2.23
C PRO A 18 -2.10 -8.38 2.47
N LEU A 19 -1.69 -7.19 2.01
CA LEU A 19 -2.50 -5.97 2.14
C LEU A 19 -2.64 -5.27 0.79
N THR A 20 -3.66 -4.41 0.69
CA THR A 20 -3.93 -3.66 -0.54
C THR A 20 -3.65 -2.16 -0.34
N CYS A 21 -3.31 -1.48 -1.44
CA CYS A 21 -3.02 -0.05 -1.41
C CYS A 21 -4.27 0.76 -1.81
N ILE A 22 -4.90 1.40 -0.82
CA ILE A 22 -6.11 2.20 -1.05
C ILE A 22 -5.93 3.63 -0.50
N PRO A 23 -6.26 4.70 -1.31
CA PRO A 23 -6.79 4.59 -2.69
C PRO A 23 -5.74 4.11 -3.71
N GLY A 24 -4.50 4.61 -3.56
CA GLY A 24 -3.40 4.24 -4.46
C GLY A 24 -3.46 4.98 -5.80
N ASP A 25 -3.97 6.22 -5.78
CA ASP A 25 -4.07 7.03 -6.99
C ASP A 25 -3.66 8.50 -6.71
N PRO A 26 -2.32 8.83 -6.78
CA PRO A 26 -1.23 7.89 -7.12
C PRO A 26 -0.74 7.09 -5.90
N TYR A 27 -0.76 7.73 -4.73
CA TYR A 27 -0.31 7.10 -3.48
C TYR A 27 -1.50 6.57 -2.67
N GLY A 28 -1.24 5.56 -1.85
CA GLY A 28 -2.29 4.96 -1.02
C GLY A 28 -1.76 4.39 0.29
N ILE A 29 -2.64 3.69 1.00
CA ILE A 29 -2.29 3.07 2.29
C ILE A 29 -2.55 1.56 2.22
N CYS A 30 -1.70 0.79 2.93
CA CYS A 30 -1.81 -0.67 2.98
C CYS A 30 -2.87 -1.10 4.01
N TYR A 31 -4.02 -1.58 3.51
CA TYR A 31 -5.11 -2.01 4.37
C TYR A 31 -5.27 -3.54 4.38
N ILE A 32 -5.90 -4.05 5.44
CA ILE A 32 -6.14 -5.50 5.59
C ILE A 32 -7.50 -5.89 4.99
N ILE A 33 -7.47 -6.83 4.06
CA ILE A 33 -8.68 -7.32 3.39
C ILE A 33 -9.01 -8.75 3.81
N CYS A 1 9.86 -1.77 1.75
CA CYS A 1 8.39 -1.85 1.50
C CYS A 1 7.59 -1.51 2.78
N PRO A 2 6.32 -1.02 2.64
CA PRO A 2 5.49 -0.64 3.80
C PRO A 2 4.74 -1.83 4.44
N GLY A 3 3.95 -1.53 5.49
CA GLY A 3 3.17 -2.54 6.19
C GLY A 3 1.76 -2.07 6.48
N GLU A 4 1.15 -2.60 7.54
CA GLU A 4 -0.22 -2.25 7.94
C GLU A 4 -0.29 -0.83 8.53
N GLY A 5 -0.97 0.06 7.81
CA GLY A 5 -1.12 1.44 8.24
C GLY A 5 0.02 2.34 7.76
N GLU A 6 0.55 2.04 6.57
CA GLU A 6 1.66 2.81 5.99
C GLU A 6 1.33 3.27 4.57
N GLU A 7 2.10 4.25 4.09
CA GLU A 7 1.92 4.81 2.73
C GLU A 7 2.56 3.91 1.68
N CYS A 8 1.77 3.55 0.66
CA CYS A 8 2.23 2.68 -0.42
C CYS A 8 1.89 3.25 -1.79
N ASP A 9 2.75 2.95 -2.76
CA ASP A 9 2.58 3.40 -4.14
C ASP A 9 2.25 2.20 -5.04
N VAL A 10 1.58 2.48 -6.16
CA VAL A 10 1.19 1.43 -7.11
C VAL A 10 2.10 1.40 -8.36
N GLU A 11 3.14 2.25 -8.37
CA GLU A 11 4.06 2.33 -9.50
C GLU A 11 5.35 1.53 -9.25
N PHE A 12 5.97 1.74 -8.07
CA PHE A 12 7.23 1.05 -7.72
C PHE A 12 7.39 0.78 -6.21
N ASN A 13 6.38 1.15 -5.41
CA ASN A 13 6.45 0.95 -3.95
C ASN A 13 5.16 0.27 -3.41
N PRO A 14 4.86 -0.99 -3.83
CA PRO A 14 3.67 -1.73 -3.35
C PRO A 14 3.84 -2.24 -1.91
N CYS A 15 2.77 -2.84 -1.36
CA CYS A 15 2.78 -3.39 0.00
C CYS A 15 3.47 -4.76 0.02
N CYS A 16 4.27 -5.01 1.07
CA CYS A 16 5.01 -6.28 1.20
C CYS A 16 4.11 -7.40 1.75
N PRO A 17 3.39 -7.20 2.91
CA PRO A 17 2.50 -8.25 3.48
C PRO A 17 1.21 -8.41 2.65
N PRO A 18 0.30 -9.40 2.98
CA PRO A 18 -0.97 -9.59 2.23
C PRO A 18 -1.97 -8.45 2.46
N LEU A 19 -1.60 -7.25 2.01
CA LEU A 19 -2.44 -6.06 2.15
C LEU A 19 -2.62 -5.36 0.80
N THR A 20 -3.64 -4.50 0.71
CA THR A 20 -3.94 -3.75 -0.52
C THR A 20 -3.67 -2.26 -0.34
N CYS A 21 -3.30 -1.60 -1.44
CA CYS A 21 -3.02 -0.16 -1.43
C CYS A 21 -4.26 0.64 -1.84
N ILE A 22 -4.86 1.33 -0.86
CA ILE A 22 -6.07 2.13 -1.10
C ILE A 22 -5.86 3.56 -0.56
N PRO A 23 -6.17 4.63 -1.38
CA PRO A 23 -6.69 4.51 -2.76
C PRO A 23 -5.63 4.04 -3.78
N GLY A 24 -4.40 4.55 -3.62
CA GLY A 24 -3.30 4.18 -4.52
C GLY A 24 -3.28 4.98 -5.81
N ASP A 25 -3.60 6.29 -5.71
CA ASP A 25 -3.62 7.17 -6.89
C ASP A 25 -3.14 8.60 -6.53
N PRO A 26 -1.80 8.87 -6.53
CA PRO A 26 -0.73 7.91 -6.84
C PRO A 26 -0.33 7.05 -5.63
N TYR A 27 -0.39 7.66 -4.44
CA TYR A 27 -0.03 6.98 -3.19
C TYR A 27 -1.26 6.71 -2.34
N GLY A 28 -1.15 5.71 -1.45
CA GLY A 28 -2.25 5.35 -0.57
C GLY A 28 -1.77 4.70 0.71
N ILE A 29 -2.62 3.83 1.28
CA ILE A 29 -2.30 3.12 2.52
C ILE A 29 -2.54 1.62 2.35
N CYS A 30 -1.72 0.82 3.03
CA CYS A 30 -1.82 -0.65 2.99
C CYS A 30 -2.88 -1.14 3.99
N TYR A 31 -4.03 -1.58 3.46
CA TYR A 31 -5.13 -2.07 4.30
C TYR A 31 -5.24 -3.58 4.25
N ILE A 32 -5.87 -4.16 5.29
CA ILE A 32 -6.05 -5.61 5.39
C ILE A 32 -7.42 -6.02 4.82
N ILE A 33 -7.39 -6.94 3.85
CA ILE A 33 -8.61 -7.43 3.22
C ILE A 33 -8.92 -8.87 3.64
N CYS A 1 9.81 -1.88 1.68
CA CYS A 1 8.34 -1.94 1.45
C CYS A 1 7.57 -1.62 2.74
N PRO A 2 6.30 -1.10 2.64
CA PRO A 2 5.50 -0.74 3.81
C PRO A 2 4.74 -1.94 4.43
N GLY A 3 3.97 -1.64 5.51
CA GLY A 3 3.19 -2.65 6.20
C GLY A 3 1.78 -2.15 6.50
N GLU A 4 1.18 -2.68 7.57
CA GLU A 4 -0.18 -2.30 7.98
C GLU A 4 -0.21 -0.90 8.60
N GLY A 5 -0.84 0.04 7.88
CA GLY A 5 -0.95 1.42 8.35
C GLY A 5 0.20 2.28 7.86
N GLU A 6 0.73 1.96 6.68
CA GLU A 6 1.85 2.71 6.09
C GLU A 6 1.52 3.18 4.67
N GLU A 7 2.31 4.14 4.17
CA GLU A 7 2.12 4.68 2.82
C GLU A 7 2.72 3.76 1.76
N CYS A 8 1.92 3.44 0.75
CA CYS A 8 2.34 2.56 -0.34
C CYS A 8 2.11 3.19 -1.70
N ASP A 9 3.05 2.95 -2.61
CA ASP A 9 2.97 3.48 -3.99
C ASP A 9 2.57 2.37 -4.94
N VAL A 10 1.88 2.73 -6.02
CA VAL A 10 1.44 1.75 -7.03
C VAL A 10 2.33 1.75 -8.27
N GLU A 11 3.42 2.53 -8.22
CA GLU A 11 4.35 2.64 -9.34
C GLU A 11 5.58 1.74 -9.15
N PHE A 12 6.19 1.80 -7.94
CA PHE A 12 7.41 1.00 -7.65
C PHE A 12 7.56 0.65 -6.16
N ASN A 13 6.60 1.06 -5.31
CA ASN A 13 6.67 0.78 -3.88
C ASN A 13 5.35 0.20 -3.33
N PRO A 14 4.94 -1.02 -3.79
CA PRO A 14 3.70 -1.68 -3.31
C PRO A 14 3.84 -2.24 -1.88
N CYS A 15 2.75 -2.82 -1.35
CA CYS A 15 2.74 -3.39 -0.01
C CYS A 15 3.39 -4.79 -0.01
N CYS A 16 4.21 -5.07 1.02
CA CYS A 16 4.91 -6.35 1.14
C CYS A 16 3.99 -7.46 1.69
N PRO A 17 3.30 -7.26 2.87
CA PRO A 17 2.39 -8.28 3.44
C PRO A 17 1.09 -8.41 2.63
N PRO A 18 0.16 -9.38 2.96
CA PRO A 18 -1.11 -9.55 2.23
C PRO A 18 -2.10 -8.38 2.47
N LEU A 19 -1.69 -7.19 2.01
CA LEU A 19 -2.50 -5.98 2.15
C LEU A 19 -2.64 -5.27 0.79
N THR A 20 -3.67 -4.41 0.69
CA THR A 20 -3.93 -3.66 -0.53
C THR A 20 -3.66 -2.16 -0.34
N CYS A 21 -3.31 -1.48 -1.44
CA CYS A 21 -3.02 -0.05 -1.41
C CYS A 21 -4.27 0.76 -1.81
N ILE A 22 -4.90 1.40 -0.82
CA ILE A 22 -6.11 2.20 -1.05
C ILE A 22 -5.93 3.63 -0.50
N PRO A 23 -6.26 4.70 -1.30
CA PRO A 23 -6.79 4.59 -2.69
C PRO A 23 -5.74 4.11 -3.71
N GLY A 24 -4.50 4.60 -3.56
CA GLY A 24 -3.41 4.24 -4.46
C GLY A 24 -3.45 4.97 -5.80
N ASP A 25 -3.97 6.20 -5.78
CA ASP A 25 -4.08 7.02 -6.99
C ASP A 25 -3.65 8.49 -6.71
N PRO A 26 -2.33 8.82 -6.79
CA PRO A 26 -1.23 7.88 -7.12
C PRO A 26 -0.74 7.09 -5.90
N TYR A 27 -0.76 7.73 -4.73
CA TYR A 27 -0.32 7.11 -3.48
C TYR A 27 -1.51 6.57 -2.67
N GLY A 28 -1.24 5.56 -1.85
CA GLY A 28 -2.29 4.96 -1.02
C GLY A 28 -1.76 4.39 0.29
N ILE A 29 -2.64 3.69 1.00
CA ILE A 29 -2.29 3.07 2.29
C ILE A 29 -2.55 1.56 2.22
N CYS A 30 -1.70 0.79 2.93
CA CYS A 30 -1.81 -0.67 2.98
C CYS A 30 -2.87 -1.10 4.01
N TYR A 31 -4.02 -1.58 3.51
CA TYR A 31 -5.11 -2.01 4.38
C TYR A 31 -5.27 -3.53 4.39
N ILE A 32 -5.90 -4.05 5.44
CA ILE A 32 -6.14 -5.49 5.61
C ILE A 32 -7.50 -5.88 5.01
N ILE A 33 -7.47 -6.83 4.07
CA ILE A 33 -8.69 -7.31 3.41
C ILE A 33 -9.03 -8.75 3.84
N CYS A 1 9.76 -1.99 1.60
CA CYS A 1 8.29 -2.02 1.38
C CYS A 1 7.53 -1.70 2.69
N PRO A 2 6.27 -1.16 2.59
CA PRO A 2 5.47 -0.81 3.78
C PRO A 2 4.72 -1.99 4.41
N GLY A 3 3.97 -1.70 5.49
CA GLY A 3 3.20 -2.71 6.19
C GLY A 3 1.80 -2.22 6.50
N GLU A 4 1.21 -2.73 7.60
CA GLU A 4 -0.15 -2.35 8.02
C GLU A 4 -0.15 -0.96 8.66
N GLY A 5 -0.75 0.01 7.95
CA GLY A 5 -0.84 1.38 8.42
C GLY A 5 0.32 2.24 7.95
N GLU A 6 0.85 1.91 6.77
CA GLU A 6 1.97 2.63 6.18
C GLU A 6 1.63 3.16 4.78
N GLU A 7 2.48 4.05 4.25
CA GLU A 7 2.29 4.64 2.93
C GLU A 7 2.75 3.68 1.82
N CYS A 8 1.94 3.60 0.76
CA CYS A 8 2.22 2.73 -0.37
C CYS A 8 2.19 3.49 -1.69
N ASP A 9 2.88 2.94 -2.69
CA ASP A 9 2.95 3.52 -4.03
C ASP A 9 2.64 2.44 -5.06
N VAL A 10 1.89 2.80 -6.09
CA VAL A 10 1.52 1.86 -7.16
C VAL A 10 2.48 1.95 -8.36
N GLU A 11 3.54 2.74 -8.20
CA GLU A 11 4.53 2.93 -9.28
C GLU A 11 5.77 2.06 -9.07
N PHE A 12 6.31 2.04 -7.84
CA PHE A 12 7.52 1.25 -7.53
C PHE A 12 7.64 0.84 -6.05
N ASN A 13 6.65 1.21 -5.22
CA ASN A 13 6.70 0.87 -3.78
C ASN A 13 5.35 0.28 -3.28
N PRO A 14 4.95 -0.93 -3.78
CA PRO A 14 3.70 -1.59 -3.35
C PRO A 14 3.81 -2.19 -1.94
N CYS A 15 2.71 -2.77 -1.44
CA CYS A 15 2.68 -3.38 -0.10
C CYS A 15 3.31 -4.77 -0.12
N CYS A 16 4.09 -5.08 0.93
CA CYS A 16 4.79 -6.38 1.04
C CYS A 16 3.88 -7.49 1.60
N PRO A 17 3.22 -7.29 2.80
CA PRO A 17 2.32 -8.32 3.38
C PRO A 17 1.00 -8.46 2.60
N PRO A 18 0.10 -9.44 2.94
CA PRO A 18 -1.19 -9.61 2.23
C PRO A 18 -2.18 -8.45 2.51
N LEU A 19 -1.79 -7.26 2.05
CA LEU A 19 -2.61 -6.05 2.21
C LEU A 19 -2.84 -5.36 0.87
N THR A 20 -3.86 -4.50 0.81
CA THR A 20 -4.20 -3.77 -0.41
C THR A 20 -3.87 -2.27 -0.28
N CYS A 21 -3.58 -1.64 -1.41
CA CYS A 21 -3.24 -0.21 -1.45
C CYS A 21 -4.49 0.61 -1.81
N ILE A 22 -5.03 1.32 -0.81
CA ILE A 22 -6.22 2.15 -1.02
C ILE A 22 -5.96 3.60 -0.54
N PRO A 23 -6.27 4.63 -1.39
CA PRO A 23 -6.83 4.47 -2.76
C PRO A 23 -5.80 3.92 -3.76
N GLY A 24 -4.55 4.38 -3.65
CA GLY A 24 -3.47 3.93 -4.53
C GLY A 24 -3.47 4.64 -5.89
N ASP A 25 -3.94 5.90 -5.91
CA ASP A 25 -3.99 6.69 -7.14
C ASP A 25 -3.69 8.18 -6.87
N PRO A 26 -2.40 8.62 -6.92
CA PRO A 26 -1.22 7.78 -7.21
C PRO A 26 -0.68 7.04 -5.98
N TYR A 27 -0.77 7.70 -4.81
CA TYR A 27 -0.28 7.13 -3.56
C TYR A 27 -1.45 6.64 -2.70
N GLY A 28 -1.17 5.70 -1.79
CA GLY A 28 -2.20 5.16 -0.92
C GLY A 28 -1.66 4.58 0.37
N ILE A 29 -2.50 3.79 1.05
CA ILE A 29 -2.14 3.15 2.32
C ILE A 29 -2.43 1.65 2.23
N CYS A 30 -1.61 0.86 2.93
CA CYS A 30 -1.74 -0.59 2.97
C CYS A 30 -2.80 -1.00 4.01
N TYR A 31 -3.96 -1.49 3.54
CA TYR A 31 -5.05 -1.90 4.43
C TYR A 31 -5.24 -3.41 4.46
N ILE A 32 -5.87 -3.90 5.54
CA ILE A 32 -6.13 -5.34 5.72
C ILE A 32 -7.53 -5.70 5.19
N ILE A 33 -7.57 -6.67 4.28
CA ILE A 33 -8.81 -7.14 3.68
C ILE A 33 -9.11 -8.59 4.05
N CYS A 1 9.82 -1.89 1.69
CA CYS A 1 8.35 -1.95 1.46
C CYS A 1 7.58 -1.63 2.75
N PRO A 2 6.32 -1.10 2.64
CA PRO A 2 5.50 -0.75 3.83
C PRO A 2 4.74 -1.93 4.45
N GLY A 3 3.98 -1.64 5.51
CA GLY A 3 3.19 -2.64 6.21
C GLY A 3 1.79 -2.15 6.50
N GLU A 4 1.17 -2.68 7.56
CA GLU A 4 -0.20 -2.30 7.97
C GLU A 4 -0.22 -0.90 8.60
N GLY A 5 -0.85 0.05 7.88
CA GLY A 5 -0.95 1.43 8.35
C GLY A 5 0.19 2.29 7.86
N GLU A 6 0.73 1.97 6.68
CA GLU A 6 1.84 2.72 6.10
C GLU A 6 1.51 3.18 4.68
N GLU A 7 2.30 4.15 4.17
CA GLU A 7 2.11 4.70 2.82
C GLU A 7 2.72 3.77 1.77
N CYS A 8 1.92 3.44 0.75
CA CYS A 8 2.34 2.56 -0.33
C CYS A 8 2.11 3.20 -1.70
N ASP A 9 3.04 2.94 -2.61
CA ASP A 9 2.97 3.47 -3.98
C ASP A 9 2.55 2.34 -4.93
N VAL A 10 1.87 2.71 -6.01
CA VAL A 10 1.41 1.74 -7.01
C VAL A 10 2.31 1.74 -8.26
N GLU A 11 3.40 2.51 -8.22
CA GLU A 11 4.32 2.62 -9.34
C GLU A 11 5.55 1.73 -9.15
N PHE A 12 6.18 1.79 -7.95
CA PHE A 12 7.39 0.99 -7.66
C PHE A 12 7.55 0.64 -6.17
N ASN A 13 6.59 1.04 -5.32
CA ASN A 13 6.68 0.77 -3.89
C ASN A 13 5.35 0.18 -3.33
N PRO A 14 4.93 -1.03 -3.79
CA PRO A 14 3.69 -1.69 -3.32
C PRO A 14 3.84 -2.24 -1.88
N CYS A 15 2.74 -2.82 -1.35
CA CYS A 15 2.75 -3.40 0.00
C CYS A 15 3.40 -4.79 0.00
N CYS A 16 4.22 -5.06 1.04
CA CYS A 16 4.92 -6.35 1.16
C CYS A 16 4.01 -7.46 1.71
N PRO A 17 3.31 -7.25 2.87
CA PRO A 17 2.41 -8.28 3.45
C PRO A 17 1.10 -8.41 2.64
N PRO A 18 0.17 -9.38 2.97
CA PRO A 18 -1.10 -9.55 2.24
C PRO A 18 -2.09 -8.39 2.47
N LEU A 19 -1.68 -7.19 2.01
CA LEU A 19 -2.49 -5.97 2.14
C LEU A 19 -2.63 -5.27 0.80
N THR A 20 -3.65 -4.41 0.69
CA THR A 20 -3.92 -3.66 -0.54
C THR A 20 -3.64 -2.16 -0.34
N CYS A 21 -3.30 -1.48 -1.43
CA CYS A 21 -3.01 -0.05 -1.41
C CYS A 21 -4.26 0.75 -1.81
N ILE A 22 -4.89 1.40 -0.82
CA ILE A 22 -6.11 2.19 -1.05
C ILE A 22 -5.92 3.63 -0.51
N PRO A 23 -6.26 4.70 -1.30
CA PRO A 23 -6.79 4.58 -2.70
C PRO A 23 -5.74 4.11 -3.71
N GLY A 24 -4.50 4.62 -3.57
CA GLY A 24 -3.41 4.25 -4.47
C GLY A 24 -3.45 4.99 -5.80
N ASP A 25 -3.97 6.23 -5.78
CA ASP A 25 -4.07 7.05 -6.98
C ASP A 25 -3.65 8.51 -6.70
N PRO A 26 -2.31 8.84 -6.78
CA PRO A 26 -1.22 7.89 -7.11
C PRO A 26 -0.74 7.09 -5.90
N TYR A 27 -0.75 7.73 -4.73
CA TYR A 27 -0.31 7.10 -3.48
C TYR A 27 -1.50 6.58 -2.67
N GLY A 28 -1.24 5.56 -1.85
CA GLY A 28 -2.29 4.97 -1.02
C GLY A 28 -1.76 4.40 0.29
N ILE A 29 -2.64 3.69 1.00
CA ILE A 29 -2.29 3.07 2.29
C ILE A 29 -2.55 1.56 2.22
N CYS A 30 -1.70 0.79 2.93
CA CYS A 30 -1.81 -0.67 2.98
C CYS A 30 -2.87 -1.10 4.01
N TYR A 31 -4.02 -1.59 3.51
CA TYR A 31 -5.11 -2.02 4.37
C TYR A 31 -5.26 -3.54 4.37
N ILE A 32 -5.91 -4.06 5.43
CA ILE A 32 -6.15 -5.50 5.58
C ILE A 32 -7.50 -5.90 4.96
N ILE A 33 -7.45 -6.83 4.00
CA ILE A 33 -8.64 -7.32 3.32
C ILE A 33 -8.94 -8.78 3.68
N CYS A 1 9.77 -2.00 1.49
CA CYS A 1 8.30 -2.08 1.25
C CYS A 1 7.51 -1.72 2.51
N PRO A 2 6.25 -1.19 2.37
CA PRO A 2 5.42 -0.80 3.51
C PRO A 2 4.73 -1.98 4.23
N GLY A 3 3.85 -1.66 5.18
CA GLY A 3 3.11 -2.65 5.95
C GLY A 3 1.69 -2.19 6.23
N GLU A 4 1.20 -2.55 7.41
CA GLU A 4 -0.15 -2.19 7.84
C GLU A 4 -0.15 -0.79 8.49
N GLY A 5 -0.74 0.18 7.78
CA GLY A 5 -0.81 1.55 8.29
C GLY A 5 0.37 2.40 7.83
N GLU A 6 0.83 2.16 6.60
CA GLU A 6 1.97 2.90 6.03
C GLU A 6 1.65 3.39 4.62
N GLU A 7 2.50 4.29 4.10
CA GLU A 7 2.32 4.84 2.76
C GLU A 7 2.82 3.87 1.69
N CYS A 8 1.91 3.48 0.80
CA CYS A 8 2.23 2.53 -0.27
C CYS A 8 1.98 3.15 -1.65
N ASP A 9 2.94 2.93 -2.55
CA ASP A 9 2.86 3.45 -3.91
C ASP A 9 2.49 2.32 -4.87
N VAL A 10 1.91 2.68 -6.01
CA VAL A 10 1.51 1.69 -7.02
C VAL A 10 2.41 1.72 -8.27
N GLU A 11 3.57 2.39 -8.14
CA GLU A 11 4.51 2.51 -9.25
C GLU A 11 5.88 1.90 -8.92
N PHE A 12 6.41 2.21 -7.72
CA PHE A 12 7.73 1.71 -7.32
C PHE A 12 7.81 1.29 -5.83
N ASN A 13 6.69 1.39 -5.11
CA ASN A 13 6.67 1.03 -3.68
C ASN A 13 5.41 0.19 -3.34
N PRO A 14 5.33 -1.07 -3.85
CA PRO A 14 4.19 -1.98 -3.56
C PRO A 14 4.24 -2.55 -2.13
N CYS A 15 3.10 -3.11 -1.68
CA CYS A 15 2.99 -3.68 -0.34
C CYS A 15 3.60 -5.09 -0.27
N CYS A 16 4.29 -5.38 0.84
CA CYS A 16 4.93 -6.69 1.04
C CYS A 16 3.95 -7.73 1.61
N PRO A 17 3.24 -7.45 2.75
CA PRO A 17 2.29 -8.42 3.34
C PRO A 17 0.97 -8.52 2.53
N PRO A 18 0.04 -9.49 2.86
CA PRO A 18 -1.24 -9.62 2.13
C PRO A 18 -2.22 -8.48 2.43
N LEU A 19 -1.84 -7.26 2.00
CA LEU A 19 -2.65 -6.07 2.20
C LEU A 19 -2.94 -5.37 0.86
N THR A 20 -3.86 -4.41 0.89
CA THR A 20 -4.24 -3.66 -0.31
C THR A 20 -3.95 -2.16 -0.16
N CYS A 21 -3.48 -1.53 -1.24
CA CYS A 21 -3.15 -0.10 -1.24
C CYS A 21 -4.37 0.72 -1.68
N ILE A 22 -5.02 1.37 -0.71
CA ILE A 22 -6.21 2.20 -0.96
C ILE A 22 -5.95 3.64 -0.51
N PRO A 23 -6.26 4.68 -1.37
CA PRO A 23 -6.83 4.50 -2.74
C PRO A 23 -5.80 3.95 -3.75
N GLY A 24 -4.54 4.40 -3.61
CA GLY A 24 -3.47 3.96 -4.50
C GLY A 24 -3.49 4.67 -5.86
N ASP A 25 -3.97 5.92 -5.88
CA ASP A 25 -4.06 6.71 -7.10
C ASP A 25 -3.71 8.19 -6.85
N PRO A 26 -2.41 8.60 -6.87
CA PRO A 26 -1.25 7.71 -7.14
C PRO A 26 -0.73 7.00 -5.88
N TYR A 27 -0.79 7.71 -4.74
CA TYR A 27 -0.32 7.17 -3.46
C TYR A 27 -1.50 6.76 -2.57
N GLY A 28 -1.26 5.82 -1.66
CA GLY A 28 -2.30 5.35 -0.74
C GLY A 28 -1.75 4.63 0.48
N ILE A 29 -2.66 4.05 1.26
CA ILE A 29 -2.29 3.31 2.48
C ILE A 29 -2.69 1.84 2.34
N CYS A 30 -1.89 0.94 2.90
CA CYS A 30 -2.15 -0.50 2.83
C CYS A 30 -3.02 -0.96 4.00
N TYR A 31 -4.19 -1.50 3.66
CA TYR A 31 -5.16 -1.98 4.66
C TYR A 31 -5.30 -3.51 4.61
N ILE A 32 -5.94 -4.07 5.65
CA ILE A 32 -6.17 -5.51 5.76
C ILE A 32 -7.56 -5.88 5.21
N ILE A 33 -7.57 -6.78 4.22
CA ILE A 33 -8.82 -7.23 3.60
C ILE A 33 -9.17 -8.66 4.03
N CYS A 1 9.96 -1.70 2.04
CA CYS A 1 8.53 -1.84 1.69
C CYS A 1 7.63 -1.42 2.88
N PRO A 2 6.35 -0.99 2.63
CA PRO A 2 5.44 -0.59 3.70
C PRO A 2 4.70 -1.78 4.34
N GLY A 3 3.81 -1.47 5.29
CA GLY A 3 3.03 -2.48 5.99
C GLY A 3 1.65 -1.97 6.36
N GLU A 4 1.02 -2.61 7.37
CA GLU A 4 -0.33 -2.23 7.82
C GLU A 4 -0.35 -0.83 8.45
N GLY A 5 -0.99 0.10 7.73
CA GLY A 5 -1.09 1.49 8.19
C GLY A 5 0.05 2.35 7.70
N GLU A 6 0.58 2.03 6.51
CA GLU A 6 1.69 2.78 5.93
C GLU A 6 1.36 3.27 4.52
N GLU A 7 2.10 4.29 4.06
CA GLU A 7 1.90 4.86 2.72
C GLU A 7 2.58 4.00 1.65
N CYS A 8 1.78 3.53 0.69
CA CYS A 8 2.28 2.68 -0.37
C CYS A 8 1.96 3.26 -1.75
N ASP A 9 2.83 2.97 -2.72
CA ASP A 9 2.65 3.43 -4.10
C ASP A 9 2.31 2.24 -5.00
N VAL A 10 1.65 2.52 -6.12
CA VAL A 10 1.24 1.48 -7.08
C VAL A 10 2.14 1.45 -8.32
N GLU A 11 3.19 2.29 -8.33
CA GLU A 11 4.12 2.36 -9.46
C GLU A 11 5.39 1.55 -9.21
N PHE A 12 6.01 1.73 -8.03
CA PHE A 12 7.25 1.02 -7.69
C PHE A 12 7.41 0.75 -6.19
N ASN A 13 6.42 1.14 -5.37
CA ASN A 13 6.49 0.92 -3.92
C ASN A 13 5.21 0.27 -3.37
N PRO A 14 4.88 -0.98 -3.79
CA PRO A 14 3.68 -1.70 -3.30
C PRO A 14 3.86 -2.26 -1.88
N CYS A 15 2.77 -2.79 -1.31
CA CYS A 15 2.79 -3.38 0.04
C CYS A 15 3.38 -4.79 -0.01
N CYS A 16 4.30 -5.10 0.91
CA CYS A 16 4.94 -6.43 0.95
C CYS A 16 4.06 -7.49 1.63
N PRO A 17 3.42 -7.22 2.81
CA PRO A 17 2.53 -8.21 3.47
C PRO A 17 1.22 -8.42 2.69
N PRO A 18 0.33 -9.40 3.09
CA PRO A 18 -0.95 -9.64 2.39
C PRO A 18 -1.96 -8.49 2.60
N LEU A 19 -1.61 -7.32 2.07
CA LEU A 19 -2.44 -6.11 2.17
C LEU A 19 -2.57 -5.41 0.82
N THR A 20 -3.57 -4.54 0.70
CA THR A 20 -3.83 -3.79 -0.52
C THR A 20 -3.54 -2.29 -0.33
N CYS A 21 -3.24 -1.60 -1.43
CA CYS A 21 -2.96 -0.16 -1.41
C CYS A 21 -4.21 0.63 -1.82
N ILE A 22 -4.82 1.30 -0.84
CA ILE A 22 -6.03 2.10 -1.08
C ILE A 22 -5.85 3.53 -0.53
N PRO A 23 -6.16 4.60 -1.34
CA PRO A 23 -6.66 4.49 -2.73
C PRO A 23 -5.58 4.06 -3.74
N GLY A 24 -4.35 4.58 -3.56
CA GLY A 24 -3.23 4.25 -4.44
C GLY A 24 -3.25 5.04 -5.74
N ASP A 25 -3.64 6.33 -5.65
CA ASP A 25 -3.70 7.20 -6.83
C ASP A 25 -3.22 8.63 -6.50
N PRO A 26 -1.87 8.90 -6.53
CA PRO A 26 -0.81 7.93 -6.87
C PRO A 26 -0.40 7.08 -5.66
N TYR A 27 -0.43 7.68 -4.47
CA TYR A 27 -0.05 7.00 -3.23
C TYR A 27 -1.28 6.67 -2.39
N GLY A 28 -1.15 5.66 -1.53
CA GLY A 28 -2.24 5.25 -0.66
C GLY A 28 -1.76 4.61 0.63
N ILE A 29 -2.62 3.79 1.23
CA ILE A 29 -2.31 3.10 2.48
C ILE A 29 -2.56 1.59 2.32
N CYS A 30 -1.75 0.79 3.03
CA CYS A 30 -1.87 -0.67 3.01
C CYS A 30 -2.93 -1.13 4.03
N TYR A 31 -4.06 -1.63 3.50
CA TYR A 31 -5.16 -2.09 4.36
C TYR A 31 -5.29 -3.62 4.37
N ILE A 32 -5.96 -4.13 5.41
CA ILE A 32 -6.18 -5.57 5.57
C ILE A 32 -7.52 -5.98 4.96
N ILE A 33 -7.47 -6.95 4.04
CA ILE A 33 -8.67 -7.46 3.37
C ILE A 33 -9.05 -8.85 3.89
N CYS A 1 9.82 -1.90 1.69
CA CYS A 1 8.35 -1.96 1.46
C CYS A 1 7.58 -1.63 2.75
N PRO A 2 6.31 -1.11 2.64
CA PRO A 2 5.50 -0.75 3.81
C PRO A 2 4.74 -1.94 4.43
N GLY A 3 3.98 -1.63 5.50
CA GLY A 3 3.19 -2.65 6.20
C GLY A 3 1.79 -2.15 6.50
N GLU A 4 1.18 -2.68 7.56
CA GLU A 4 -0.19 -2.30 7.97
C GLU A 4 -0.22 -0.89 8.59
N GLY A 5 -0.84 0.05 7.89
CA GLY A 5 -0.94 1.42 8.35
C GLY A 5 0.20 2.29 7.86
N GLU A 6 0.73 1.97 6.67
CA GLU A 6 1.85 2.72 6.09
C GLU A 6 1.52 3.18 4.67
N GLU A 7 2.31 4.14 4.17
CA GLU A 7 2.12 4.69 2.82
C GLU A 7 2.72 3.77 1.77
N CYS A 8 1.92 3.44 0.75
CA CYS A 8 2.34 2.56 -0.34
C CYS A 8 2.11 3.19 -1.70
N ASP A 9 3.04 2.95 -2.61
CA ASP A 9 2.97 3.47 -3.98
C ASP A 9 2.55 2.35 -4.94
N VAL A 10 1.87 2.72 -6.02
CA VAL A 10 1.41 1.75 -7.02
C VAL A 10 2.31 1.74 -8.27
N GLU A 11 3.41 2.51 -8.21
CA GLU A 11 4.33 2.63 -9.34
C GLU A 11 5.57 1.74 -9.13
N PHE A 12 6.18 1.80 -7.94
CA PHE A 12 7.39 1.02 -7.64
C PHE A 12 7.55 0.66 -6.14
N ASN A 13 6.58 1.07 -5.30
CA ASN A 13 6.66 0.78 -3.87
C ASN A 13 5.34 0.19 -3.32
N PRO A 14 4.94 -1.03 -3.78
CA PRO A 14 3.70 -1.69 -3.31
C PRO A 14 3.84 -2.25 -1.89
N CYS A 15 2.75 -2.83 -1.36
CA CYS A 15 2.75 -3.40 -0.01
C CYS A 15 3.40 -4.79 0.00
N CYS A 16 4.21 -5.07 1.02
CA CYS A 16 4.91 -6.36 1.15
C CYS A 16 4.00 -7.47 1.70
N PRO A 17 3.31 -7.26 2.87
CA PRO A 17 2.40 -8.28 3.45
C PRO A 17 1.09 -8.41 2.63
N PRO A 18 0.16 -9.38 2.97
CA PRO A 18 -1.11 -9.55 2.23
C PRO A 18 -2.09 -8.38 2.48
N LEU A 19 -1.69 -7.19 2.01
CA LEU A 19 -2.49 -5.98 2.15
C LEU A 19 -2.63 -5.27 0.80
N THR A 20 -3.66 -4.41 0.68
CA THR A 20 -3.92 -3.66 -0.54
C THR A 20 -3.65 -2.16 -0.34
N CYS A 21 -3.31 -1.48 -1.44
CA CYS A 21 -3.02 -0.05 -1.41
C CYS A 21 -4.26 0.76 -1.81
N ILE A 22 -4.89 1.40 -0.82
CA ILE A 22 -6.11 2.20 -1.05
C ILE A 22 -5.92 3.63 -0.51
N PRO A 23 -6.26 4.70 -1.31
CA PRO A 23 -6.79 4.59 -2.69
C PRO A 23 -5.74 4.11 -3.71
N GLY A 24 -4.50 4.62 -3.57
CA GLY A 24 -3.41 4.24 -4.46
C GLY A 24 -3.46 4.98 -5.80
N ASP A 25 -3.97 6.22 -5.78
CA ASP A 25 -4.08 7.04 -6.99
C ASP A 25 -3.66 8.50 -6.71
N PRO A 26 -2.33 8.83 -6.79
CA PRO A 26 -1.23 7.88 -7.12
C PRO A 26 -0.75 7.09 -5.90
N TYR A 27 -0.76 7.73 -4.73
CA TYR A 27 -0.32 7.11 -3.49
C TYR A 27 -1.49 6.58 -2.68
N GLY A 28 -1.24 5.56 -1.85
CA GLY A 28 -2.29 4.97 -1.02
C GLY A 28 -1.76 4.40 0.29
N ILE A 29 -2.64 3.69 1.00
CA ILE A 29 -2.29 3.07 2.29
C ILE A 29 -2.54 1.56 2.23
N CYS A 30 -1.70 0.79 2.93
CA CYS A 30 -1.81 -0.66 2.97
C CYS A 30 -2.87 -1.10 4.01
N TYR A 31 -4.01 -1.58 3.51
CA TYR A 31 -5.11 -2.01 4.37
C TYR A 31 -5.26 -3.53 4.37
N ILE A 32 -5.91 -4.06 5.43
CA ILE A 32 -6.15 -5.49 5.58
C ILE A 32 -7.50 -5.89 4.97
N ILE A 33 -7.45 -6.83 4.03
CA ILE A 33 -8.66 -7.31 3.35
C ILE A 33 -8.97 -8.76 3.73
N CYS A 1 9.96 -1.67 2.07
CA CYS A 1 8.52 -1.81 1.71
C CYS A 1 7.63 -1.40 2.90
N PRO A 2 6.35 -0.97 2.64
CA PRO A 2 5.44 -0.58 3.72
C PRO A 2 4.69 -1.76 4.35
N GLY A 3 3.79 -1.45 5.30
CA GLY A 3 3.01 -2.47 5.99
C GLY A 3 1.63 -1.96 6.36
N GLU A 4 1.00 -2.60 7.37
CA GLU A 4 -0.35 -2.22 7.82
C GLU A 4 -0.37 -0.82 8.44
N GLY A 5 -1.01 0.11 7.73
CA GLY A 5 -1.11 1.50 8.19
C GLY A 5 0.04 2.36 7.71
N GLU A 6 0.56 2.04 6.51
CA GLU A 6 1.68 2.80 5.94
C GLU A 6 1.35 3.29 4.53
N GLU A 7 2.11 4.30 4.06
CA GLU A 7 1.92 4.87 2.73
C GLU A 7 2.59 4.00 1.67
N CYS A 8 1.79 3.54 0.71
CA CYS A 8 2.28 2.67 -0.37
C CYS A 8 1.94 3.25 -1.75
N ASP A 9 2.81 2.95 -2.71
CA ASP A 9 2.64 3.39 -4.09
C ASP A 9 2.29 2.20 -4.99
N VAL A 10 1.62 2.48 -6.11
CA VAL A 10 1.21 1.43 -7.06
C VAL A 10 2.10 1.40 -8.31
N GLU A 11 3.14 2.24 -8.34
CA GLU A 11 4.05 2.32 -9.47
C GLU A 11 5.33 1.51 -9.23
N PHE A 12 5.97 1.71 -8.06
CA PHE A 12 7.23 1.01 -7.72
C PHE A 12 7.40 0.73 -6.23
N ASN A 13 6.41 1.13 -5.40
CA ASN A 13 6.50 0.92 -3.95
C ASN A 13 5.21 0.27 -3.38
N PRO A 14 4.87 -0.98 -3.80
CA PRO A 14 3.67 -1.68 -3.30
C PRO A 14 3.86 -2.24 -1.88
N CYS A 15 2.77 -2.78 -1.30
CA CYS A 15 2.80 -3.35 0.04
C CYS A 15 3.39 -4.77 0.00
N CYS A 16 4.31 -5.08 0.92
CA CYS A 16 4.96 -6.41 0.95
C CYS A 16 4.07 -7.48 1.63
N PRO A 17 3.43 -7.21 2.81
CA PRO A 17 2.55 -8.20 3.46
C PRO A 17 1.24 -8.42 2.69
N PRO A 18 0.35 -9.40 3.08
CA PRO A 18 -0.93 -9.64 2.38
C PRO A 18 -1.94 -8.50 2.60
N LEU A 19 -1.59 -7.32 2.06
CA LEU A 19 -2.43 -6.12 2.17
C LEU A 19 -2.55 -5.42 0.82
N THR A 20 -3.56 -4.55 0.70
CA THR A 20 -3.81 -3.79 -0.53
C THR A 20 -3.53 -2.29 -0.33
N CYS A 21 -3.24 -1.60 -1.43
CA CYS A 21 -2.95 -0.17 -1.40
C CYS A 21 -4.20 0.63 -1.81
N ILE A 22 -4.82 1.30 -0.84
CA ILE A 22 -6.02 2.10 -1.08
C ILE A 22 -5.84 3.53 -0.53
N PRO A 23 -6.14 4.60 -1.33
CA PRO A 23 -6.65 4.49 -2.73
C PRO A 23 -5.57 4.06 -3.73
N GLY A 24 -4.34 4.58 -3.55
CA GLY A 24 -3.23 4.26 -4.44
C GLY A 24 -3.25 5.06 -5.74
N ASP A 25 -3.62 6.35 -5.64
CA ASP A 25 -3.69 7.22 -6.82
C ASP A 25 -3.18 8.65 -6.48
N PRO A 26 -1.83 8.90 -6.52
CA PRO A 26 -0.78 7.91 -6.85
C PRO A 26 -0.38 7.05 -5.65
N TYR A 27 -0.41 7.66 -4.45
CA TYR A 27 -0.03 6.99 -3.22
C TYR A 27 -1.27 6.68 -2.36
N GLY A 28 -1.14 5.68 -1.50
CA GLY A 28 -2.24 5.28 -0.62
C GLY A 28 -1.76 4.64 0.66
N ILE A 29 -2.62 3.80 1.25
CA ILE A 29 -2.30 3.10 2.49
C ILE A 29 -2.55 1.59 2.33
N CYS A 30 -1.75 0.80 3.05
CA CYS A 30 -1.86 -0.66 3.03
C CYS A 30 -2.94 -1.13 4.02
N TYR A 31 -4.06 -1.63 3.50
CA TYR A 31 -5.17 -2.09 4.34
C TYR A 31 -5.29 -3.62 4.34
N ILE A 32 -5.98 -4.14 5.36
CA ILE A 32 -6.20 -5.58 5.50
C ILE A 32 -7.52 -6.01 4.85
N ILE A 33 -7.43 -6.94 3.90
CA ILE A 33 -8.60 -7.45 3.18
C ILE A 33 -8.89 -8.91 3.53
N CYS A 1 9.96 -1.68 2.05
CA CYS A 1 8.52 -1.81 1.70
C CYS A 1 7.62 -1.39 2.88
N PRO A 2 6.34 -0.97 2.62
CA PRO A 2 5.42 -0.56 3.70
C PRO A 2 4.67 -1.76 4.33
N GLY A 3 3.79 -1.44 5.29
CA GLY A 3 2.99 -2.44 5.98
C GLY A 3 1.61 -1.92 6.35
N GLU A 4 0.95 -2.60 7.30
CA GLU A 4 -0.40 -2.22 7.75
C GLU A 4 -0.43 -0.82 8.38
N GLY A 5 -1.08 0.11 7.67
CA GLY A 5 -1.19 1.49 8.12
C GLY A 5 -0.02 2.36 7.67
N GLU A 6 0.52 2.03 6.50
CA GLU A 6 1.66 2.78 5.94
C GLU A 6 1.36 3.29 4.53
N GLU A 7 2.15 4.29 4.09
CA GLU A 7 1.99 4.88 2.75
C GLU A 7 2.64 3.99 1.69
N CYS A 8 1.82 3.54 0.72
CA CYS A 8 2.29 2.67 -0.34
C CYS A 8 1.98 3.25 -1.72
N ASP A 9 2.84 2.93 -2.69
CA ASP A 9 2.67 3.38 -4.07
C ASP A 9 2.31 2.20 -4.97
N VAL A 10 1.64 2.49 -6.08
CA VAL A 10 1.22 1.45 -7.03
C VAL A 10 2.10 1.43 -8.30
N GLU A 11 3.14 2.26 -8.32
CA GLU A 11 4.05 2.34 -9.46
C GLU A 11 5.31 1.53 -9.24
N PHE A 12 5.96 1.69 -8.08
CA PHE A 12 7.21 0.97 -7.77
C PHE A 12 7.39 0.69 -6.26
N ASN A 13 6.42 1.09 -5.42
CA ASN A 13 6.52 0.88 -3.97
C ASN A 13 5.23 0.26 -3.40
N PRO A 14 4.86 -0.99 -3.80
CA PRO A 14 3.65 -1.66 -3.30
C PRO A 14 3.84 -2.23 -1.88
N CYS A 15 2.75 -2.77 -1.29
CA CYS A 15 2.78 -3.35 0.05
C CYS A 15 3.37 -4.76 0.00
N CYS A 16 4.30 -5.06 0.91
CA CYS A 16 4.94 -6.39 0.94
C CYS A 16 4.06 -7.47 1.63
N PRO A 17 3.43 -7.20 2.81
CA PRO A 17 2.57 -8.20 3.49
C PRO A 17 1.24 -8.43 2.72
N PRO A 18 0.36 -9.40 3.13
CA PRO A 18 -0.92 -9.67 2.43
C PRO A 18 -1.94 -8.52 2.62
N LEU A 19 -1.59 -7.36 2.07
CA LEU A 19 -2.42 -6.15 2.15
C LEU A 19 -2.48 -5.45 0.79
N THR A 20 -3.49 -4.57 0.63
CA THR A 20 -3.67 -3.81 -0.61
C THR A 20 -3.39 -2.32 -0.39
N CYS A 21 -3.18 -1.60 -1.49
CA CYS A 21 -2.92 -0.16 -1.43
C CYS A 21 -4.18 0.63 -1.82
N ILE A 22 -4.77 1.32 -0.84
CA ILE A 22 -5.98 2.11 -1.06
C ILE A 22 -5.80 3.55 -0.54
N PRO A 23 -6.12 4.60 -1.36
CA PRO A 23 -6.67 4.46 -2.74
C PRO A 23 -5.59 4.05 -3.77
N GLY A 24 -4.38 4.58 -3.60
CA GLY A 24 -3.28 4.28 -4.52
C GLY A 24 -3.31 5.10 -5.79
N ASP A 25 -3.67 6.39 -5.67
CA ASP A 25 -3.75 7.29 -6.82
C ASP A 25 -3.22 8.70 -6.46
N PRO A 26 -1.86 8.93 -6.49
CA PRO A 26 -0.83 7.92 -6.83
C PRO A 26 -0.42 7.06 -5.63
N TYR A 27 -0.42 7.67 -4.44
CA TYR A 27 -0.04 6.98 -3.20
C TYR A 27 -1.27 6.66 -2.35
N GLY A 28 -1.13 5.66 -1.48
CA GLY A 28 -2.21 5.26 -0.60
C GLY A 28 -1.72 4.61 0.68
N ILE A 29 -2.58 3.77 1.28
CA ILE A 29 -2.25 3.08 2.53
C ILE A 29 -2.52 1.58 2.37
N CYS A 30 -1.72 0.77 3.09
CA CYS A 30 -1.86 -0.69 3.07
C CYS A 30 -2.95 -1.14 4.07
N TYR A 31 -4.07 -1.63 3.54
CA TYR A 31 -5.20 -2.08 4.37
C TYR A 31 -5.31 -3.59 4.42
N ILE A 32 -6.03 -4.09 5.44
CA ILE A 32 -6.24 -5.53 5.64
C ILE A 32 -7.52 -5.98 4.90
N ILE A 33 -7.37 -7.01 4.06
CA ILE A 33 -8.48 -7.55 3.28
C ILE A 33 -8.74 -9.02 3.69
#